data_9DHN
#
_entry.id   9DHN
#
_cell.length_a   133.734
_cell.length_b   133.734
_cell.length_c   109.075
_cell.angle_alpha   90.00
_cell.angle_beta   90.00
_cell.angle_gamma   90.00
#
_symmetry.space_group_name_H-M   'P 41 21 2'
#
loop_
_entity.id
_entity.type
_entity.pdbx_description
1 polymer 'L-tyrosine/L-tryptophan isonitrile synthase family protein'
2 non-polymer 'TETRAETHYLENE GLYCOL'
3 non-polymer '(2S)-2-{[(2S,3S)-1,3-dihydroxy-4-oxopentan-2-yl]amino}-3-(4-hydroxyphenyl)propanoic acid'
4 non-polymer 'PHOSPHATE ION'
5 non-polymer 1,2-ETHANEDIOL
6 non-polymer 2-(2-METHOXYETHOXY)ETHANOL
7 non-polymer 1-(2-METHOXY-ETHOXY)-2-{2-[2-(2-METHOXY-ETHOXY]-ETHOXY}-ETHANE
#
_entity_poly.entity_id   1
_entity_poly.type   'polypeptide(L)'
_entity_poly.pdbx_seq_one_letter_code
;SENVSLNNISMQILRELLQYRRHLTDPVKNSAKEEEIIKTVQLPRIEYFIKNKKPIEFILPAFPTKSPNINKVLGTAPDM
AERLSLIFLNSFCQRIQLYYPPGARIIICSDGHVFGDLIHVSDEVISQYHEDIKQLLHEVGAINLSTFNLNDDKELCEHS
DDFNLQRQMLVKHYARSEASIKDELLQNNNGLQLYRAVTRFLYEDSLLPGYTGSNNALQKDAKQRAIGVIQRSWAWGSLL
DTHFPKAIRLSIHPQPADSIKFGIHMMPTRDDWLTPWHGVAANVNGQFILMKHKEVQMMGGKLVNIHGKPSHYVI
;
_entity_poly.pdbx_strand_id   A,B
#
loop_
_chem_comp.id
_chem_comp.type
_chem_comp.name
_chem_comp.formula
A1A46 non-polymer '(2S)-2-{[(2S,3S)-1,3-dihydroxy-4-oxopentan-2-yl]amino}-3-(4-hydroxyphenyl)propanoic acid' 'C14 H19 N O6'
EDO non-polymer 1,2-ETHANEDIOL 'C2 H6 O2'
PG0 non-polymer 2-(2-METHOXYETHOXY)ETHANOL 'C5 H12 O3'
PG4 non-polymer 'TETRAETHYLENE GLYCOL' 'C8 H18 O5'
PG6 non-polymer 1-(2-METHOXY-ETHOXY)-2-{2-[2-(2-METHOXY-ETHOXY]-ETHOXY}-ETHANE 'C12 H26 O6'
PO4 non-polymer 'PHOSPHATE ION' 'O4 P -3'
#
# COMPACT_ATOMS: atom_id res chain seq x y z
N SER A 1 -33.18 18.31 -1.27
CA SER A 1 -33.51 16.90 -1.38
C SER A 1 -32.48 15.89 -0.85
N GLU A 2 -32.80 14.60 -0.94
CA GLU A 2 -31.94 13.51 -0.48
C GLU A 2 -30.70 13.17 -1.37
N ASN A 3 -30.81 13.56 -2.64
CA ASN A 3 -29.68 13.45 -3.58
C ASN A 3 -28.39 14.19 -3.28
N VAL A 4 -28.44 15.25 -2.48
CA VAL A 4 -27.24 16.05 -2.20
C VAL A 4 -26.21 15.20 -1.46
N SER A 5 -26.66 14.36 -0.54
CA SER A 5 -25.73 13.45 0.14
C SER A 5 -25.16 12.43 -0.84
N LEU A 6 -26.03 11.80 -1.63
CA LEU A 6 -25.58 10.88 -2.68
C LEU A 6 -24.67 11.58 -3.68
N ASN A 7 -25.09 12.75 -4.17
CA ASN A 7 -24.27 13.43 -5.16
C ASN A 7 -22.93 13.86 -4.57
N ASN A 8 -22.88 14.10 -3.26
CA ASN A 8 -21.59 14.40 -2.64
C ASN A 8 -20.65 13.19 -2.69
N ILE A 9 -21.16 12.00 -2.34
CA ILE A 9 -20.32 10.81 -2.27
C ILE A 9 -19.77 10.43 -3.65
N SER A 10 -20.66 10.34 -4.63
CA SER A 10 -20.21 10.05 -5.97
C SER A 10 -19.17 11.03 -6.51
N MET A 11 -19.31 12.32 -6.21
CA MET A 11 -18.35 13.29 -6.74
C MET A 11 -16.99 13.22 -6.04
N GLN A 12 -16.96 12.79 -4.79
CA GLN A 12 -15.68 12.61 -4.13
C GLN A 12 -14.97 11.43 -4.80
N ILE A 13 -15.71 10.37 -5.17
CA ILE A 13 -15.10 9.21 -5.81
C ILE A 13 -14.57 9.56 -7.19
N LEU A 14 -15.37 10.26 -7.98
CA LEU A 14 -14.94 10.69 -9.30
C LEU A 14 -13.74 11.63 -9.22
N ARG A 15 -13.72 12.54 -8.24
CA ARG A 15 -12.59 13.45 -8.13
C ARG A 15 -11.30 12.68 -7.81
N GLU A 16 -11.40 11.63 -7.00
CA GLU A 16 -10.22 10.81 -6.69
C GLU A 16 -9.72 10.10 -7.93
N LEU A 17 -10.63 9.51 -8.70
CA LEU A 17 -10.28 8.89 -9.97
C LEU A 17 -9.59 9.88 -10.89
N LEU A 18 -10.13 11.10 -10.98
CA LEU A 18 -9.59 12.07 -11.93
C LEU A 18 -8.14 12.39 -11.62
N GLN A 19 -7.75 12.30 -10.34
CA GLN A 19 -6.37 12.55 -9.97
C GLN A 19 -5.42 11.58 -10.65
N TYR A 20 -5.92 10.47 -11.17
CA TYR A 20 -5.07 9.41 -11.70
C TYR A 20 -5.33 9.14 -13.18
N ARG A 21 -5.98 10.06 -13.87
CA ARG A 21 -6.52 9.78 -15.20
C ARG A 21 -5.44 9.58 -16.25
N ARG A 22 -5.57 8.51 -17.02
CA ARG A 22 -4.67 8.25 -18.15
C ARG A 22 -5.33 8.77 -19.41
N HIS A 23 -4.70 9.75 -20.04
CA HIS A 23 -5.26 10.40 -21.23
C HIS A 23 -4.10 10.87 -22.10
N LEU A 24 -4.41 11.05 -23.39
CA LEU A 24 -3.44 11.53 -24.35
C LEU A 24 -3.13 12.93 -23.80
N THR A 25 -1.85 13.20 -23.57
CA THR A 25 -1.52 14.55 -23.13
C THR A 25 -1.39 15.49 -24.33
N ASP A 26 -2.09 16.61 -24.27
CA ASP A 26 -1.96 17.67 -25.27
C ASP A 26 -2.41 19.01 -24.70
N PRO A 27 -1.51 20.00 -24.60
CA PRO A 27 -1.90 21.29 -24.01
C PRO A 27 -2.94 22.08 -24.76
N VAL A 28 -3.29 21.69 -25.99
CA VAL A 28 -4.37 22.41 -26.66
C VAL A 28 -5.72 21.87 -26.21
N LYS A 29 -5.74 20.85 -25.37
CA LYS A 29 -6.99 20.32 -24.82
C LYS A 29 -7.43 21.12 -23.60
N ASN A 30 -8.68 21.56 -23.61
CA ASN A 30 -9.31 22.15 -22.44
C ASN A 30 -9.48 21.00 -21.49
N SER A 31 -8.82 21.04 -20.34
CA SER A 31 -8.95 19.92 -19.41
C SER A 31 -10.25 20.09 -18.66
N ALA A 32 -10.68 21.33 -18.45
CA ALA A 32 -11.85 21.57 -17.64
C ALA A 32 -13.10 21.04 -18.33
N LYS A 33 -13.21 21.24 -19.64
CA LYS A 33 -14.38 20.69 -20.35
C LYS A 33 -14.30 19.17 -20.44
N GLU A 34 -13.09 18.61 -20.59
CA GLU A 34 -12.93 17.17 -20.58
C GLU A 34 -13.47 16.57 -19.29
N GLU A 35 -13.02 17.09 -18.15
CA GLU A 35 -13.48 16.57 -16.87
C GLU A 35 -14.98 16.76 -16.74
N GLU A 36 -15.50 17.89 -17.22
CA GLU A 36 -16.94 18.11 -17.14
C GLU A 36 -17.69 17.00 -17.89
N ILE A 37 -17.13 16.55 -19.00
CA ILE A 37 -17.79 15.51 -19.78
C ILE A 37 -17.74 14.20 -19.02
N ILE A 38 -16.56 13.88 -18.46
CA ILE A 38 -16.36 12.61 -17.78
C ILE A 38 -17.32 12.49 -16.62
N LYS A 39 -17.53 13.62 -15.92
CA LYS A 39 -18.55 13.71 -14.87
C LYS A 39 -19.89 13.22 -15.38
N THR A 40 -20.31 13.68 -16.56
CA THR A 40 -21.63 13.30 -17.06
C THR A 40 -21.69 11.83 -17.44
N VAL A 41 -20.57 11.21 -17.75
CA VAL A 41 -20.61 9.81 -18.17
C VAL A 41 -20.53 8.86 -17.00
N GLN A 42 -19.70 9.17 -16.00
CA GLN A 42 -19.40 8.19 -14.96
C GLN A 42 -20.21 8.36 -13.70
N LEU A 43 -20.59 9.60 -13.33
CA LEU A 43 -21.34 9.82 -12.10
C LEU A 43 -22.58 8.96 -12.03
N PRO A 44 -23.43 8.87 -13.07
CA PRO A 44 -24.54 7.91 -13.01
C PRO A 44 -24.09 6.49 -12.71
N ARG A 45 -23.10 5.97 -13.43
CA ARG A 45 -22.67 4.59 -13.20
C ARG A 45 -22.18 4.41 -11.77
N ILE A 46 -21.54 5.44 -11.21
CA ILE A 46 -21.08 5.37 -9.82
C ILE A 46 -22.27 5.31 -8.89
N GLU A 47 -23.22 6.24 -9.06
CA GLU A 47 -24.35 6.37 -8.15
C GLU A 47 -25.23 5.14 -8.15
N TYR A 48 -25.23 4.36 -9.23
CA TYR A 48 -25.95 3.09 -9.23
C TYR A 48 -25.58 2.26 -8.01
N PHE A 49 -24.28 2.15 -7.73
CA PHE A 49 -23.83 1.39 -6.57
C PHE A 49 -24.15 2.11 -5.27
N ILE A 50 -24.02 3.43 -5.24
CA ILE A 50 -24.23 4.14 -4.00
C ILE A 50 -25.70 4.10 -3.60
N LYS A 51 -26.61 4.36 -4.56
CA LYS A 51 -28.05 4.20 -4.30
C LYS A 51 -28.34 2.86 -3.66
N ASN A 52 -27.81 1.79 -4.21
CA ASN A 52 -28.09 0.47 -3.69
C ASN A 52 -27.20 0.10 -2.52
N LYS A 53 -26.39 1.02 -2.02
CA LYS A 53 -25.58 0.81 -0.83
C LYS A 53 -24.71 -0.46 -0.94
N LYS A 54 -24.30 -0.80 -2.16
CA LYS A 54 -23.44 -1.83 -2.73
C LYS A 54 -22.03 -1.26 -2.90
N PRO A 55 -20.97 -2.03 -2.73
CA PRO A 55 -19.62 -1.48 -3.00
C PRO A 55 -19.46 -1.19 -4.49
N ILE A 56 -18.72 -0.11 -4.79
CA ILE A 56 -18.44 0.26 -6.19
C ILE A 56 -17.55 -0.78 -6.82
N GLU A 57 -18.00 -1.40 -7.91
CA GLU A 57 -17.16 -2.40 -8.57
C GLU A 57 -16.57 -1.85 -9.86
N PHE A 58 -15.27 -2.14 -10.05
CA PHE A 58 -14.52 -1.68 -11.20
C PHE A 58 -13.96 -2.88 -11.96
N ILE A 59 -14.01 -2.79 -13.28
CA ILE A 59 -13.40 -3.75 -14.17
C ILE A 59 -12.15 -3.11 -14.74
N LEU A 60 -11.07 -3.90 -14.82
CA LEU A 60 -9.82 -3.44 -15.44
C LEU A 60 -9.17 -4.60 -16.16
N PRO A 61 -9.24 -4.67 -17.53
CA PRO A 61 -8.48 -5.67 -18.27
C PRO A 61 -7.01 -5.24 -18.24
N ALA A 62 -6.17 -6.00 -17.56
CA ALA A 62 -4.76 -5.57 -17.37
C ALA A 62 -3.83 -6.73 -17.04
N PHE A 63 -2.52 -6.48 -17.04
CA PHE A 63 -1.52 -7.49 -16.62
C PHE A 63 -1.55 -8.79 -17.41
N PRO A 64 -1.71 -8.79 -18.76
CA PRO A 64 -1.79 -10.09 -19.43
C PRO A 64 -0.54 -10.98 -19.39
N THR A 65 0.64 -10.42 -19.64
CA THR A 65 1.91 -11.18 -19.59
C THR A 65 3.07 -10.18 -19.52
N LYS A 66 4.26 -10.64 -19.16
CA LYS A 66 5.42 -9.72 -19.19
C LYS A 66 5.96 -9.61 -20.62
N SER A 67 6.41 -8.44 -21.01
CA SER A 67 6.92 -8.23 -22.37
C SER A 67 8.19 -9.03 -22.61
N PRO A 68 8.32 -9.67 -23.76
CA PRO A 68 9.48 -10.55 -23.98
C PRO A 68 10.76 -9.79 -24.32
N ASN A 69 10.69 -8.51 -24.70
CA ASN A 69 11.89 -7.76 -25.05
C ASN A 69 12.64 -7.37 -23.78
N ILE A 70 13.82 -7.97 -23.60
CA ILE A 70 14.67 -7.70 -22.44
C ILE A 70 15.17 -6.26 -22.43
N ASN A 71 15.13 -5.57 -23.57
CA ASN A 71 15.46 -4.16 -23.56
C ASN A 71 14.40 -3.34 -22.86
N LYS A 72 13.20 -3.90 -22.68
CA LYS A 72 12.14 -3.18 -21.99
C LYS A 72 11.94 -3.60 -20.55
N VAL A 73 12.04 -4.89 -20.22
CA VAL A 73 11.68 -5.39 -18.91
C VAL A 73 12.87 -6.12 -18.29
N LEU A 74 12.74 -6.53 -17.03
CA LEU A 74 13.86 -7.18 -16.32
C LEU A 74 13.76 -8.69 -16.45
N GLY A 75 12.56 -9.24 -16.30
CA GLY A 75 12.40 -10.71 -16.28
C GLY A 75 11.01 -11.13 -16.69
N THR A 76 10.81 -12.42 -17.00
CA THR A 76 9.48 -12.94 -17.36
C THR A 76 8.52 -12.78 -16.17
N ALA A 77 8.99 -12.99 -14.95
CA ALA A 77 8.13 -12.92 -13.74
C ALA A 77 7.71 -11.49 -13.41
N PRO A 78 6.57 -11.30 -12.71
CA PRO A 78 6.14 -9.97 -12.28
C PRO A 78 7.15 -9.37 -11.28
N ASP A 79 7.39 -8.06 -11.37
CA ASP A 79 8.42 -7.38 -10.54
C ASP A 79 7.81 -6.22 -9.76
N MET A 80 8.63 -5.49 -9.02
CA MET A 80 8.15 -4.38 -8.15
C MET A 80 7.14 -3.50 -8.88
N ALA A 81 7.36 -3.20 -10.15
CA ALA A 81 6.43 -2.27 -10.82
C ALA A 81 5.04 -2.87 -10.79
N GLU A 82 4.92 -4.17 -11.03
CA GLU A 82 3.58 -4.81 -10.89
C GLU A 82 3.13 -4.71 -9.44
N ARG A 83 4.05 -4.94 -8.51
CA ARG A 83 3.66 -4.95 -7.08
C ARG A 83 3.20 -3.55 -6.68
N LEU A 84 4.01 -2.54 -6.99
CA LEU A 84 3.55 -1.20 -6.65
C LEU A 84 2.16 -0.94 -7.23
N SER A 85 1.93 -1.36 -8.48
CA SER A 85 0.66 -1.08 -9.15
C SER A 85 -0.50 -1.76 -8.46
N LEU A 86 -0.33 -3.03 -8.09
CA LEU A 86 -1.36 -3.71 -7.34
C LEU A 86 -1.57 -3.06 -5.97
N ILE A 87 -0.47 -2.76 -5.27
CA ILE A 87 -0.60 -2.08 -3.98
C ILE A 87 -1.40 -0.79 -4.14
N PHE A 88 -1.15 -0.05 -5.23
CA PHE A 88 -1.84 1.21 -5.43
C PHE A 88 -3.33 0.99 -5.66
N LEU A 89 -3.68 0.13 -6.61
CA LEU A 89 -5.07 -0.16 -6.88
C LEU A 89 -5.80 -0.59 -5.62
N ASN A 90 -5.20 -1.48 -4.84
CA ASN A 90 -5.90 -1.93 -3.64
C ASN A 90 -6.08 -0.80 -2.64
N SER A 91 -5.02 -0.03 -2.35
CA SER A 91 -5.15 1.10 -1.46
C SER A 91 -6.10 2.16 -2.01
N PHE A 92 -6.27 2.22 -3.34
CA PHE A 92 -7.29 3.10 -3.90
C PHE A 92 -8.69 2.69 -3.44
N CYS A 93 -8.97 1.38 -3.42
CA CYS A 93 -10.26 0.93 -2.90
C CYS A 93 -10.34 1.15 -1.40
N GLN A 94 -9.25 0.91 -0.68
CA GLN A 94 -9.29 1.10 0.76
C GLN A 94 -9.73 2.50 1.19
N ARG A 95 -9.32 3.56 0.48
CA ARG A 95 -9.65 4.94 0.92
C ARG A 95 -11.09 5.36 0.54
N ILE A 96 -11.68 4.63 -0.40
CA ILE A 96 -13.07 4.91 -0.87
C ILE A 96 -13.87 4.63 0.41
N GLN A 97 -13.43 3.64 1.17
CA GLN A 97 -14.20 3.22 2.36
C GLN A 97 -14.35 4.40 3.30
N LEU A 98 -13.32 5.23 3.47
CA LEU A 98 -13.52 6.32 4.45
C LEU A 98 -14.67 7.20 3.97
N TYR A 99 -14.71 7.58 2.68
CA TYR A 99 -15.88 8.33 2.18
C TYR A 99 -17.14 7.48 2.22
N TYR A 100 -17.04 6.21 1.79
CA TYR A 100 -18.24 5.36 1.66
C TYR A 100 -18.03 4.07 2.43
N PRO A 101 -18.91 3.71 3.38
CA PRO A 101 -18.69 2.52 4.20
C PRO A 101 -18.63 1.20 3.41
N PRO A 102 -19.46 0.93 2.39
CA PRO A 102 -19.38 -0.33 1.65
C PRO A 102 -18.01 -0.51 1.01
N GLY A 103 -17.43 0.58 0.49
CA GLY A 103 -16.10 0.47 -0.13
C GLY A 103 -16.17 0.02 -1.57
N ALA A 104 -15.05 -0.44 -2.12
CA ALA A 104 -15.06 -0.76 -3.57
C ALA A 104 -14.26 -2.03 -3.87
N ARG A 105 -14.51 -2.63 -5.04
CA ARG A 105 -13.74 -3.78 -5.49
C ARG A 105 -13.29 -3.51 -6.92
N ILE A 106 -12.12 -4.05 -7.29
CA ILE A 106 -11.63 -3.98 -8.67
C ILE A 106 -11.35 -5.40 -9.13
N ILE A 107 -12.00 -5.80 -10.20
CA ILE A 107 -11.71 -7.10 -10.82
C ILE A 107 -10.68 -6.86 -11.91
N ILE A 108 -9.49 -7.43 -11.72
CA ILE A 108 -8.46 -7.41 -12.74
C ILE A 108 -8.75 -8.56 -13.70
N CYS A 109 -9.17 -8.23 -14.92
CA CYS A 109 -9.47 -9.20 -15.98
C CYS A 109 -8.24 -9.36 -16.83
N SER A 110 -7.37 -10.30 -16.44
CA SER A 110 -6.09 -10.48 -17.13
C SER A 110 -6.35 -10.96 -18.56
N ASP A 111 -5.93 -10.16 -19.55
CA ASP A 111 -6.19 -10.49 -20.93
C ASP A 111 -5.08 -11.34 -21.55
N GLY A 112 -4.35 -12.13 -20.74
CA GLY A 112 -3.13 -12.75 -21.25
C GLY A 112 -3.36 -13.75 -22.38
N HIS A 113 -4.26 -14.69 -22.16
CA HIS A 113 -4.42 -15.78 -23.12
C HIS A 113 -5.18 -15.34 -24.36
N VAL A 114 -5.91 -14.22 -24.27
CA VAL A 114 -6.76 -13.83 -25.40
C VAL A 114 -5.91 -13.53 -26.63
N PHE A 115 -4.81 -12.80 -26.47
CA PHE A 115 -3.97 -12.51 -27.61
C PHE A 115 -2.60 -13.19 -27.54
N GLY A 116 -2.47 -14.20 -26.69
CA GLY A 116 -1.17 -14.86 -26.51
C GLY A 116 -0.52 -15.25 -27.83
N ASP A 117 -1.30 -15.81 -28.77
CA ASP A 117 -0.73 -16.20 -30.06
C ASP A 117 -0.05 -15.03 -30.75
N LEU A 118 -0.74 -13.87 -30.81
CA LEU A 118 -0.22 -12.72 -31.56
C LEU A 118 0.99 -12.06 -30.90
N ILE A 119 1.14 -12.21 -29.59
CA ILE A 119 2.34 -11.67 -28.96
C ILE A 119 3.53 -12.60 -29.13
N HIS A 120 3.28 -13.84 -29.53
CA HIS A 120 4.37 -14.84 -29.65
C HIS A 120 4.86 -14.88 -28.21
N VAL A 121 4.03 -15.42 -27.32
CA VAL A 121 4.45 -15.64 -25.90
C VAL A 121 3.80 -16.97 -25.54
N SER A 122 4.55 -17.88 -24.94
CA SER A 122 4.02 -19.24 -24.64
C SER A 122 2.86 -19.15 -23.67
N ASP A 123 1.84 -19.99 -23.87
CA ASP A 123 0.65 -19.97 -23.01
C ASP A 123 1.21 -20.40 -21.65
N GLU A 124 2.19 -21.31 -21.67
CA GLU A 124 2.81 -21.78 -20.41
C GLU A 124 3.32 -20.58 -19.56
N VAL A 125 4.13 -19.73 -20.19
CA VAL A 125 4.54 -18.47 -19.50
C VAL A 125 3.41 -17.53 -19.08
N ILE A 126 2.40 -17.37 -19.92
CA ILE A 126 1.27 -16.45 -19.59
C ILE A 126 0.57 -17.02 -18.36
N SER A 127 0.41 -18.34 -18.32
CA SER A 127 -0.24 -18.98 -17.17
C SER A 127 0.66 -18.77 -15.96
N GLN A 128 1.96 -18.90 -16.16
CA GLN A 128 2.87 -18.66 -15.05
C GLN A 128 2.76 -17.22 -14.54
N TYR A 129 2.79 -16.22 -15.45
CA TYR A 129 2.68 -14.82 -15.06
C TYR A 129 1.38 -14.54 -14.30
N HIS A 130 0.26 -15.12 -14.77
CA HIS A 130 -1.01 -15.01 -14.07
C HIS A 130 -0.91 -15.61 -12.67
N GLU A 131 -0.31 -16.80 -12.55
CA GLU A 131 -0.20 -17.46 -11.26
C GLU A 131 0.56 -16.58 -10.26
N ASP A 132 1.72 -16.05 -10.69
CA ASP A 132 2.49 -15.16 -9.84
C ASP A 132 1.72 -13.92 -9.45
N ILE A 133 0.86 -13.42 -10.34
CA ILE A 133 0.12 -12.21 -9.97
C ILE A 133 -0.91 -12.50 -8.90
N LYS A 134 -1.62 -13.64 -9.01
CA LYS A 134 -2.44 -14.05 -7.89
C LYS A 134 -1.60 -14.19 -6.62
N GLN A 135 -0.38 -14.72 -6.74
CA GLN A 135 0.50 -14.87 -5.58
C GLN A 135 0.90 -13.51 -5.02
N LEU A 136 1.12 -12.52 -5.88
CA LEU A 136 1.42 -11.18 -5.38
C LEU A 136 0.22 -10.58 -4.65
N LEU A 137 -0.99 -10.82 -5.16
CA LEU A 137 -2.15 -10.28 -4.47
C LEU A 137 -2.28 -10.84 -3.08
N HIS A 138 -1.86 -12.08 -2.85
CA HIS A 138 -1.90 -12.60 -1.49
C HIS A 138 -0.74 -12.06 -0.67
N GLU A 139 0.49 -12.07 -1.22
CA GLU A 139 1.65 -11.49 -0.55
C GLU A 139 1.33 -10.12 0.01
N VAL A 140 0.66 -9.30 -0.78
CA VAL A 140 0.45 -7.91 -0.44
C VAL A 140 -0.83 -7.67 0.38
N GLY A 141 -1.75 -8.63 0.41
CA GLY A 141 -2.97 -8.40 1.18
C GLY A 141 -3.96 -7.52 0.46
N ALA A 142 -4.04 -7.66 -0.88
CA ALA A 142 -4.88 -6.82 -1.75
C ALA A 142 -6.32 -7.34 -1.77
N ILE A 143 -6.96 -7.25 -0.61
CA ILE A 143 -8.24 -7.91 -0.33
C ILE A 143 -9.37 -7.37 -1.22
N ASN A 144 -9.25 -6.14 -1.71
CA ASN A 144 -10.23 -5.59 -2.63
C ASN A 144 -10.02 -6.05 -4.08
N LEU A 145 -8.85 -6.55 -4.44
CA LEU A 145 -8.61 -6.93 -5.82
C LEU A 145 -8.88 -8.42 -5.99
N SER A 146 -9.42 -8.74 -7.17
CA SER A 146 -9.78 -10.15 -7.52
C SER A 146 -9.42 -10.38 -8.98
N THR A 147 -9.48 -11.64 -9.46
CA THR A 147 -9.01 -11.95 -10.84
C THR A 147 -10.08 -12.62 -11.71
N PHE A 148 -10.24 -12.17 -12.95
CA PHE A 148 -11.15 -12.83 -13.92
C PHE A 148 -10.33 -13.28 -15.14
N ASN A 149 -10.53 -14.51 -15.59
CA ASN A 149 -9.73 -15.07 -16.71
C ASN A 149 -10.67 -15.78 -17.70
N LEU A 150 -10.19 -16.02 -18.93
CA LEU A 150 -11.02 -16.67 -19.98
C LEU A 150 -11.49 -18.03 -19.47
N ASN A 151 -10.68 -18.65 -18.62
CA ASN A 151 -11.00 -20.00 -18.08
C ASN A 151 -12.27 -19.85 -17.27
N ASP A 152 -12.43 -18.73 -16.58
CA ASP A 152 -13.59 -18.55 -15.67
C ASP A 152 -14.93 -18.61 -16.42
N ASP A 153 -15.03 -18.05 -17.62
CA ASP A 153 -16.40 -18.05 -18.23
C ASP A 153 -16.86 -19.48 -18.46
N LYS A 154 -18.07 -19.81 -18.00
CA LYS A 154 -18.69 -21.13 -18.26
C LYS A 154 -19.01 -21.30 -19.75
N GLU A 155 -19.50 -20.23 -20.38
CA GLU A 155 -19.95 -20.32 -21.79
C GLU A 155 -18.80 -20.70 -22.72
N LEU A 156 -17.64 -20.08 -22.51
CA LEU A 156 -16.45 -20.41 -23.33
C LEU A 156 -15.94 -21.76 -22.85
N CYS A 157 -15.11 -22.42 -23.64
CA CYS A 157 -14.77 -23.82 -23.26
C CYS A 157 -14.35 -24.17 -21.85
N GLU A 158 -14.89 -25.27 -21.35
CA GLU A 158 -14.53 -25.72 -19.96
C GLU A 158 -12.99 -25.74 -19.67
N HIS A 159 -12.32 -26.55 -20.50
CA HIS A 159 -10.85 -26.65 -20.34
C HIS A 159 -9.87 -25.48 -20.40
N SER A 160 -8.92 -25.45 -19.46
CA SER A 160 -7.82 -24.46 -19.54
C SER A 160 -7.05 -24.82 -20.81
N ASP A 161 -6.91 -26.11 -21.06
CA ASP A 161 -6.17 -26.59 -22.25
C ASP A 161 -7.02 -26.29 -23.48
N ASP A 162 -6.44 -26.33 -24.68
CA ASP A 162 -7.19 -25.88 -25.87
C ASP A 162 -7.56 -24.41 -25.64
N PHE A 163 -6.60 -23.63 -25.12
CA PHE A 163 -6.82 -22.18 -25.00
C PHE A 163 -7.02 -21.70 -26.44
N ASN A 164 -6.25 -22.24 -27.37
CA ASN A 164 -6.49 -21.92 -28.80
C ASN A 164 -8.01 -21.96 -29.02
N LEU A 165 -8.65 -23.06 -28.61
CA LEU A 165 -10.10 -23.20 -28.85
C LEU A 165 -10.85 -22.10 -28.10
N GLN A 166 -10.42 -21.80 -26.87
CA GLN A 166 -11.06 -20.72 -26.09
C GLN A 166 -10.93 -19.44 -26.89
N ARG A 167 -9.75 -19.19 -27.43
CA ARG A 167 -9.53 -17.96 -28.23
C ARG A 167 -10.50 -18.00 -29.41
N GLN A 168 -10.57 -19.13 -30.09
CA GLN A 168 -11.45 -19.24 -31.28
C GLN A 168 -12.88 -18.95 -30.84
N MET A 169 -13.30 -19.56 -29.74
CA MET A 169 -14.71 -19.40 -29.31
C MET A 169 -14.94 -17.92 -28.98
N LEU A 170 -13.98 -17.29 -28.30
CA LEU A 170 -14.19 -15.88 -27.91
C LEU A 170 -14.32 -15.04 -29.17
N VAL A 171 -13.45 -15.30 -30.14
CA VAL A 171 -13.50 -14.50 -31.39
C VAL A 171 -14.82 -14.74 -32.11
N LYS A 172 -15.25 -15.99 -32.23
CA LYS A 172 -16.48 -16.13 -33.01
C LYS A 172 -17.62 -15.40 -32.31
N HIS A 173 -17.82 -15.71 -31.03
CA HIS A 173 -18.97 -15.13 -30.27
C HIS A 173 -18.90 -13.63 -30.03
N TYR A 174 -17.72 -13.12 -29.64
CA TYR A 174 -17.66 -11.70 -29.21
C TYR A 174 -16.79 -10.79 -30.08
N ALA A 175 -16.20 -11.28 -31.17
CA ALA A 175 -15.25 -10.40 -31.89
C ALA A 175 -15.94 -9.61 -33.00
N ARG A 176 -15.17 -8.73 -33.60
CA ARG A 176 -15.71 -7.91 -34.70
C ARG A 176 -14.73 -8.03 -35.87
N SER A 177 -15.19 -7.79 -37.10
CA SER A 177 -14.33 -8.01 -38.27
C SER A 177 -13.13 -7.08 -38.20
N GLU A 178 -11.97 -7.58 -38.63
CA GLU A 178 -10.72 -6.80 -38.54
C GLU A 178 -10.93 -5.55 -39.38
N ALA A 179 -11.61 -5.69 -40.50
CA ALA A 179 -11.89 -4.51 -41.34
C ALA A 179 -12.76 -3.52 -40.56
N SER A 180 -13.75 -3.98 -39.82
CA SER A 180 -14.52 -3.04 -38.97
C SER A 180 -13.59 -2.43 -37.93
N ILE A 181 -12.72 -3.26 -37.33
CA ILE A 181 -11.84 -2.75 -36.25
C ILE A 181 -10.95 -1.68 -36.86
N LYS A 182 -10.44 -1.93 -38.07
CA LYS A 182 -9.54 -0.97 -38.73
C LYS A 182 -10.39 0.22 -39.16
N ASP A 183 -11.54 -0.04 -39.77
CA ASP A 183 -12.32 1.12 -40.17
C ASP A 183 -12.63 2.00 -38.96
N GLU A 184 -13.05 1.41 -37.84
CA GLU A 184 -13.36 2.23 -36.68
C GLU A 184 -12.12 2.91 -36.14
N LEU A 185 -10.99 2.20 -36.14
CA LEU A 185 -9.74 2.76 -35.64
C LEU A 185 -9.36 4.04 -36.36
N LEU A 186 -9.69 4.15 -37.63
CA LEU A 186 -9.18 5.24 -38.47
C LEU A 186 -10.15 6.40 -38.58
N GLN A 187 -11.18 6.47 -37.73
CA GLN A 187 -12.02 7.67 -37.73
C GLN A 187 -11.51 8.74 -36.77
N ASN A 188 -11.29 8.38 -35.52
CA ASN A 188 -10.79 9.25 -34.47
C ASN A 188 -9.29 9.46 -34.59
N ASN A 189 -8.80 10.52 -33.95
CA ASN A 189 -7.41 10.50 -33.56
C ASN A 189 -7.20 9.63 -32.32
N ASN A 190 -8.27 9.32 -31.57
CA ASN A 190 -8.17 8.33 -30.50
C ASN A 190 -7.77 6.99 -31.08
N GLY A 191 -8.57 6.50 -32.02
CA GLY A 191 -8.27 5.25 -32.66
C GLY A 191 -6.97 5.26 -33.42
N LEU A 192 -6.67 6.38 -34.08
CA LEU A 192 -5.41 6.48 -34.80
C LEU A 192 -4.25 6.25 -33.84
N GLN A 193 -4.27 6.94 -32.69
CA GLN A 193 -3.13 6.83 -31.79
C GLN A 193 -3.05 5.50 -31.07
N LEU A 194 -4.18 4.77 -30.95
CA LEU A 194 -4.15 3.43 -30.39
C LEU A 194 -3.45 2.48 -31.35
N TYR A 195 -3.84 2.56 -32.62
CA TYR A 195 -3.25 1.75 -33.67
C TYR A 195 -1.73 1.97 -33.74
N ARG A 196 -1.30 3.24 -33.71
CA ARG A 196 0.14 3.50 -33.75
C ARG A 196 0.82 2.88 -32.53
N ALA A 197 0.24 3.10 -31.35
CA ALA A 197 0.90 2.65 -30.14
C ALA A 197 1.05 1.13 -30.12
N VAL A 198 -0.02 0.42 -30.47
CA VAL A 198 -0.01 -1.04 -30.43
C VAL A 198 0.98 -1.60 -31.44
N THR A 199 1.07 -1.00 -32.64
CA THR A 199 2.09 -1.44 -33.58
C THR A 199 3.48 -1.24 -33.01
N ARG A 200 3.74 -0.05 -32.45
CA ARG A 200 5.06 0.24 -31.90
C ARG A 200 5.48 -0.80 -30.87
N PHE A 201 4.60 -1.10 -29.91
CA PHE A 201 4.95 -2.08 -28.88
C PHE A 201 5.20 -3.46 -29.50
N LEU A 202 4.41 -3.84 -30.51
CA LEU A 202 4.61 -5.14 -31.14
C LEU A 202 5.90 -5.19 -31.94
N TYR A 203 6.23 -4.09 -32.63
CA TYR A 203 7.51 -4.00 -33.31
C TYR A 203 8.67 -4.17 -32.35
N GLU A 204 8.69 -3.36 -31.29
CA GLU A 204 9.81 -3.35 -30.35
C GLU A 204 10.08 -4.75 -29.80
N ASP A 205 9.04 -5.47 -29.39
CA ASP A 205 9.26 -6.79 -28.81
C ASP A 205 9.77 -7.79 -29.84
N SER A 206 9.59 -7.51 -31.12
CA SER A 206 9.95 -8.43 -32.18
C SER A 206 11.41 -8.35 -32.59
N LEU A 207 12.13 -7.29 -32.20
CA LEU A 207 13.57 -7.25 -32.44
C LEU A 207 14.35 -7.97 -31.35
N SER A 214 15.29 -7.67 -41.43
CA SER A 214 14.23 -7.82 -42.40
C SER A 214 13.22 -6.76 -41.98
N ASN A 215 13.66 -5.50 -41.94
CA ASN A 215 12.84 -4.44 -41.35
C ASN A 215 11.44 -4.25 -41.96
N ASN A 216 11.31 -4.28 -43.30
CA ASN A 216 9.95 -4.14 -43.85
C ASN A 216 9.01 -5.26 -43.51
N ALA A 217 9.45 -6.52 -43.56
CA ALA A 217 8.52 -7.58 -43.22
C ALA A 217 8.11 -7.42 -41.78
N LEU A 218 9.07 -7.00 -40.95
CA LEU A 218 8.82 -6.66 -39.55
C LEU A 218 7.90 -5.45 -39.38
N GLN A 219 7.94 -4.47 -40.30
CA GLN A 219 6.98 -3.36 -40.21
C GLN A 219 5.57 -3.83 -40.51
N LYS A 220 5.35 -4.28 -41.75
CA LYS A 220 4.02 -4.69 -42.17
C LYS A 220 3.44 -5.75 -41.25
N ASP A 221 4.29 -6.59 -40.66
CA ASP A 221 3.75 -7.63 -39.79
C ASP A 221 3.22 -7.02 -38.50
N ALA A 222 3.98 -6.11 -37.88
CA ALA A 222 3.49 -5.46 -36.66
C ALA A 222 2.16 -4.77 -36.93
N LYS A 223 2.04 -4.09 -38.07
CA LYS A 223 0.79 -3.43 -38.42
C LYS A 223 -0.36 -4.44 -38.50
N GLN A 224 -0.10 -5.64 -39.02
CA GLN A 224 -1.15 -6.64 -39.14
C GLN A 224 -1.48 -7.29 -37.81
N ARG A 225 -0.44 -7.64 -37.04
CA ARG A 225 -0.67 -8.19 -35.71
C ARG A 225 -1.38 -7.19 -34.81
N ALA A 226 -1.10 -5.90 -35.00
CA ALA A 226 -1.71 -4.88 -34.15
C ALA A 226 -3.22 -4.92 -34.28
N ILE A 227 -3.72 -4.95 -35.52
CA ILE A 227 -5.16 -5.04 -35.70
C ILE A 227 -5.68 -6.30 -35.07
N GLY A 228 -4.93 -7.40 -35.21
CA GLY A 228 -5.33 -8.63 -34.56
C GLY A 228 -5.43 -8.49 -33.06
N VAL A 229 -4.38 -7.95 -32.41
CA VAL A 229 -4.37 -7.84 -30.97
C VAL A 229 -5.50 -6.95 -30.50
N ILE A 230 -5.76 -5.85 -31.22
CA ILE A 230 -6.89 -5.01 -30.84
C ILE A 230 -8.20 -5.74 -31.01
N GLN A 231 -8.35 -6.51 -32.09
CA GLN A 231 -9.57 -7.28 -32.29
C GLN A 231 -9.81 -8.24 -31.14
N ARG A 232 -8.76 -8.93 -30.70
CA ARG A 232 -8.91 -9.83 -29.55
C ARG A 232 -9.29 -9.05 -28.30
N SER A 233 -8.58 -7.96 -28.03
CA SER A 233 -8.83 -7.24 -26.79
C SER A 233 -10.20 -6.58 -26.76
N TRP A 234 -10.72 -6.12 -27.89
CA TRP A 234 -12.09 -5.60 -27.85
C TRP A 234 -13.09 -6.71 -27.70
N ALA A 235 -12.80 -7.89 -28.26
CA ALA A 235 -13.63 -9.06 -27.99
C ALA A 235 -13.68 -9.34 -26.50
N TRP A 236 -12.50 -9.43 -25.87
CA TRP A 236 -12.42 -9.60 -24.43
C TRP A 236 -13.25 -8.57 -23.71
N GLY A 237 -13.18 -7.32 -24.15
CA GLY A 237 -13.99 -6.31 -23.50
C GLY A 237 -15.47 -6.56 -23.71
N SER A 238 -15.85 -6.95 -24.94
CA SER A 238 -17.24 -7.33 -25.19
C SER A 238 -17.68 -8.41 -24.23
N LEU A 239 -16.84 -9.42 -24.04
CA LEU A 239 -17.17 -10.46 -23.07
C LEU A 239 -17.35 -9.88 -21.69
N LEU A 240 -16.40 -9.06 -21.23
CA LEU A 240 -16.58 -8.39 -19.94
C LEU A 240 -17.81 -7.50 -19.95
N ASP A 241 -18.05 -6.79 -21.05
CA ASP A 241 -19.21 -5.90 -21.15
C ASP A 241 -20.51 -6.63 -20.90
N THR A 242 -20.61 -7.90 -21.27
CA THR A 242 -21.81 -8.66 -20.96
C THR A 242 -21.81 -9.17 -19.53
N HIS A 243 -20.67 -9.68 -19.06
CA HIS A 243 -20.61 -10.27 -17.72
C HIS A 243 -20.83 -9.23 -16.62
N PHE A 244 -20.13 -8.09 -16.66
CA PHE A 244 -20.20 -7.07 -15.62
C PHE A 244 -20.74 -5.75 -16.16
N PRO A 245 -22.01 -5.72 -16.59
CA PRO A 245 -22.47 -4.53 -17.32
C PRO A 245 -22.53 -3.27 -16.51
N LYS A 246 -22.87 -3.35 -15.23
CA LYS A 246 -23.05 -2.09 -14.52
C LYS A 246 -21.76 -1.63 -13.85
N ALA A 247 -20.68 -2.40 -14.05
CA ALA A 247 -19.37 -2.06 -13.54
C ALA A 247 -18.75 -0.88 -14.25
N ILE A 248 -18.09 -0.05 -13.46
CA ILE A 248 -17.33 1.06 -13.97
C ILE A 248 -16.09 0.52 -14.67
N ARG A 249 -15.86 1.00 -15.89
CA ARG A 249 -14.87 0.40 -16.77
C ARG A 249 -13.58 1.20 -16.69
N LEU A 250 -12.59 0.62 -16.02
CA LEU A 250 -11.25 1.15 -15.99
C LEU A 250 -10.47 0.60 -17.19
N SER A 251 -9.43 1.32 -17.59
CA SER A 251 -8.63 0.90 -18.74
C SER A 251 -7.18 1.26 -18.55
N ILE A 252 -6.33 0.53 -19.23
CA ILE A 252 -4.90 0.74 -19.12
C ILE A 252 -4.35 1.59 -20.25
N HIS A 253 -5.19 2.00 -21.21
CA HIS A 253 -4.98 2.86 -22.36
C HIS A 253 -5.61 4.23 -22.19
N PRO A 254 -5.02 5.27 -22.78
CA PRO A 254 -5.69 6.58 -22.84
C PRO A 254 -7.07 6.41 -23.45
N GLN A 255 -8.02 7.25 -23.02
CA GLN A 255 -9.41 7.09 -23.49
C GLN A 255 -10.05 8.45 -23.62
N PRO A 256 -10.87 8.65 -24.66
CA PRO A 256 -11.49 9.95 -24.86
C PRO A 256 -12.48 10.21 -23.74
N ALA A 257 -12.69 11.49 -23.43
CA ALA A 257 -13.57 11.84 -22.31
C ALA A 257 -15.01 11.38 -22.46
N ASP A 258 -15.51 11.23 -23.68
CA ASP A 258 -16.89 10.75 -23.85
C ASP A 258 -17.01 9.23 -23.67
N SER A 259 -15.89 8.53 -23.59
CA SER A 259 -15.89 7.08 -23.64
C SER A 259 -16.51 6.58 -22.33
N ILE A 260 -17.02 5.35 -22.38
CA ILE A 260 -17.41 4.68 -21.16
C ILE A 260 -16.16 4.25 -20.39
N LYS A 261 -15.14 3.74 -21.09
CA LYS A 261 -13.89 3.39 -20.44
C LYS A 261 -13.20 4.61 -19.85
N PHE A 262 -12.57 4.42 -18.69
CA PHE A 262 -11.80 5.46 -18.02
C PHE A 262 -10.38 4.96 -17.80
N GLY A 263 -9.41 5.54 -18.51
CA GLY A 263 -8.03 5.10 -18.41
C GLY A 263 -7.38 5.56 -17.11
N ILE A 264 -6.52 4.72 -16.57
CA ILE A 264 -5.96 5.03 -15.27
C ILE A 264 -4.47 4.67 -15.19
N HIS A 265 -3.73 5.45 -14.40
CA HIS A 265 -2.32 5.21 -14.09
C HIS A 265 -2.21 4.49 -12.75
N MET A 266 -1.14 3.73 -12.59
CA MET A 266 -0.91 2.97 -11.37
C MET A 266 0.43 3.24 -10.74
N MET A 267 1.40 3.72 -11.48
CA MET A 267 2.64 4.29 -10.96
C MET A 267 2.89 5.59 -11.69
N PRO A 268 3.73 6.46 -11.13
CA PRO A 268 4.22 7.62 -11.89
C PRO A 268 4.90 7.17 -13.19
N THR A 269 4.67 7.94 -14.25
CA THR A 269 5.32 7.68 -15.54
C THR A 269 5.14 8.90 -16.42
N ARG A 270 6.05 9.05 -17.38
CA ARG A 270 5.96 10.11 -18.38
C ARG A 270 5.41 9.63 -19.73
N ASP A 271 5.23 8.33 -19.91
CA ASP A 271 4.63 7.76 -21.12
C ASP A 271 3.18 7.39 -20.83
N ASP A 272 2.24 7.99 -21.56
CA ASP A 272 0.82 7.68 -21.33
C ASP A 272 0.47 6.24 -21.64
N TRP A 273 1.30 5.55 -22.44
CA TRP A 273 1.07 4.18 -22.86
C TRP A 273 1.86 3.16 -22.07
N LEU A 274 2.73 3.60 -21.18
CA LEU A 274 3.55 2.65 -20.45
C LEU A 274 2.72 1.85 -19.46
N THR A 275 3.01 0.57 -19.36
CA THR A 275 2.38 -0.22 -18.34
C THR A 275 3.46 -1.07 -17.69
N PRO A 276 3.28 -1.47 -16.44
CA PRO A 276 4.35 -2.20 -15.75
C PRO A 276 4.75 -3.49 -16.42
N TRP A 277 3.90 -4.10 -17.23
CA TRP A 277 4.40 -5.30 -17.89
C TRP A 277 5.23 -4.96 -19.12
N HIS A 278 5.44 -3.67 -19.40
CA HIS A 278 6.29 -3.24 -20.49
C HIS A 278 7.43 -2.34 -20.01
N GLY A 279 7.76 -2.43 -18.73
CA GLY A 279 8.76 -1.54 -18.16
C GLY A 279 9.32 -2.09 -16.86
N VAL A 280 10.08 -1.24 -16.17
CA VAL A 280 10.75 -1.65 -14.91
C VAL A 280 10.52 -0.53 -13.89
N ALA A 281 10.97 -0.73 -12.65
CA ALA A 281 10.72 0.28 -11.61
C ALA A 281 12.04 0.95 -11.24
N ALA A 282 12.06 2.28 -11.25
CA ALA A 282 13.30 3.01 -10.95
C ALA A 282 13.07 3.96 -9.78
N ASN A 283 13.97 3.97 -8.80
CA ASN A 283 13.77 4.98 -7.73
C ASN A 283 14.67 6.14 -8.10
N VAL A 284 14.05 7.29 -8.39
CA VAL A 284 14.85 8.51 -8.68
C VAL A 284 14.38 9.60 -7.73
N ASN A 285 15.31 10.19 -6.97
CA ASN A 285 14.96 11.33 -6.08
C ASN A 285 13.84 10.90 -5.14
N GLY A 286 13.87 9.65 -4.68
CA GLY A 286 12.88 9.22 -3.68
C GLY A 286 11.51 8.95 -4.28
N GLN A 287 11.40 8.92 -5.61
CA GLN A 287 10.10 8.53 -6.20
C GLN A 287 10.31 7.36 -7.17
N PHE A 288 9.52 6.30 -7.01
CA PHE A 288 9.58 5.20 -8.01
C PHE A 288 8.95 5.71 -9.31
N ILE A 289 9.53 5.34 -10.45
CA ILE A 289 8.94 5.73 -11.78
C ILE A 289 8.98 4.52 -12.70
N LEU A 290 8.10 4.48 -13.69
CA LEU A 290 8.07 3.35 -14.64
C LEU A 290 8.82 3.78 -15.89
N MET A 291 9.87 3.05 -16.25
CA MET A 291 10.73 3.42 -17.40
C MET A 291 11.14 2.13 -18.11
N LYS A 292 11.55 2.24 -19.37
CA LYS A 292 12.05 1.04 -20.08
C LYS A 292 13.41 0.62 -19.51
N HIS A 293 13.70 -0.67 -19.49
CA HIS A 293 14.94 -1.19 -18.91
C HIS A 293 16.18 -0.50 -19.48
N LYS A 294 16.20 -0.29 -20.79
CA LYS A 294 17.42 0.28 -21.41
C LYS A 294 17.66 1.70 -20.91
N GLU A 295 16.62 2.51 -20.77
CA GLU A 295 16.84 3.93 -20.42
C GLU A 295 17.51 4.00 -19.05
N VAL A 296 17.08 3.14 -18.13
CA VAL A 296 17.67 3.13 -16.76
C VAL A 296 19.14 2.75 -16.84
N GLN A 297 19.48 1.78 -17.69
CA GLN A 297 20.90 1.35 -17.80
C GLN A 297 21.72 2.55 -18.29
N MET A 298 21.18 3.34 -19.21
CA MET A 298 21.84 4.57 -19.70
C MET A 298 21.99 5.54 -18.53
N MET A 299 20.98 5.59 -17.67
CA MET A 299 21.03 6.45 -16.47
C MET A 299 22.20 5.96 -15.62
N GLY A 300 22.45 4.64 -15.61
CA GLY A 300 23.51 4.12 -14.72
C GLY A 300 22.99 3.63 -13.39
N GLY A 301 21.68 3.55 -13.23
CA GLY A 301 21.09 3.02 -11.99
C GLY A 301 21.46 1.56 -11.78
N LYS A 302 21.60 1.13 -10.52
CA LYS A 302 22.08 -0.24 -10.23
C LYS A 302 20.89 -1.13 -9.84
N LEU A 303 20.82 -2.31 -10.44
CA LEU A 303 19.70 -3.25 -10.19
C LEU A 303 19.67 -3.71 -8.74
N VAL A 304 18.48 -3.86 -8.17
CA VAL A 304 18.31 -4.38 -6.79
C VAL A 304 17.47 -5.65 -6.91
N ASN A 305 17.90 -6.74 -6.29
CA ASN A 305 17.18 -8.03 -6.44
C ASN A 305 16.58 -8.41 -5.09
N ILE A 306 15.29 -8.75 -5.08
CA ILE A 306 14.60 -9.17 -3.83
C ILE A 306 14.01 -10.55 -4.12
N HIS A 307 13.94 -11.43 -3.11
CA HIS A 307 13.47 -12.82 -3.36
C HIS A 307 14.38 -13.45 -4.41
N GLY A 308 15.62 -12.96 -4.52
CA GLY A 308 16.58 -13.51 -5.49
C GLY A 308 16.38 -12.94 -6.88
N LYS A 309 15.16 -13.07 -7.43
CA LYS A 309 14.86 -12.54 -8.78
C LYS A 309 15.09 -11.02 -8.80
N PRO A 310 15.61 -10.41 -9.88
CA PRO A 310 15.76 -8.96 -9.90
C PRO A 310 14.39 -8.29 -9.83
N SER A 311 14.27 -7.25 -9.00
CA SER A 311 12.98 -6.55 -8.86
C SER A 311 13.00 -5.14 -9.45
N HIS A 312 14.03 -4.35 -9.14
CA HIS A 312 14.00 -2.92 -9.52
C HIS A 312 15.38 -2.30 -9.63
N TYR A 313 15.45 -1.12 -10.26
CA TYR A 313 16.72 -0.39 -10.41
C TYR A 313 16.68 0.89 -9.60
N VAL A 314 17.75 1.19 -8.85
CA VAL A 314 17.80 2.42 -8.01
C VAL A 314 18.82 3.39 -8.61
N ILE A 315 18.41 4.64 -8.81
CA ILE A 315 19.32 5.68 -9.38
C ILE A 315 19.41 6.83 -8.37
N SER B 1 -4.33 36.68 1.31
CA SER B 1 -2.91 36.60 1.67
C SER B 1 -2.24 35.46 0.92
N GLU B 2 -0.91 35.33 1.05
CA GLU B 2 -0.19 34.26 0.39
C GLU B 2 0.03 33.04 1.27
N ASN B 3 -0.05 33.21 2.60
CA ASN B 3 -0.05 32.07 3.51
C ASN B 3 -1.34 31.27 3.42
N VAL B 4 -2.41 31.85 2.85
CA VAL B 4 -3.68 31.13 2.79
C VAL B 4 -3.44 29.82 2.04
N SER B 5 -2.54 29.84 1.07
CA SER B 5 -2.12 28.60 0.43
C SER B 5 -1.37 27.71 1.42
N LEU B 6 -0.45 28.30 2.21
CA LEU B 6 0.25 27.53 3.24
C LEU B 6 -0.73 26.88 4.21
N ASN B 7 -1.66 27.68 4.74
CA ASN B 7 -2.62 27.16 5.71
C ASN B 7 -3.57 26.15 5.08
N ASN B 8 -3.84 26.28 3.78
CA ASN B 8 -4.64 25.27 3.10
C ASN B 8 -3.88 23.95 3.05
N ILE B 9 -2.59 23.99 2.71
CA ILE B 9 -1.83 22.75 2.65
C ILE B 9 -1.70 22.11 4.02
N SER B 10 -1.26 22.87 5.02
CA SER B 10 -1.10 22.32 6.36
C SER B 10 -2.41 21.78 6.92
N MET B 11 -3.54 22.42 6.62
CA MET B 11 -4.79 21.92 7.15
C MET B 11 -5.19 20.60 6.48
N GLN B 12 -4.91 20.46 5.19
CA GLN B 12 -5.22 19.21 4.50
C GLN B 12 -4.41 18.07 5.07
N ILE B 13 -3.13 18.32 5.36
CA ILE B 13 -2.27 17.28 5.90
C ILE B 13 -2.75 16.90 7.29
N LEU B 14 -3.11 17.89 8.09
CA LEU B 14 -3.58 17.63 9.44
C LEU B 14 -4.88 16.83 9.45
N ARG B 15 -5.84 17.18 8.58
CA ARG B 15 -7.09 16.41 8.55
C ARG B 15 -6.82 14.99 8.06
N GLU B 16 -5.84 14.82 7.20
CA GLU B 16 -5.51 13.47 6.77
C GLU B 16 -5.03 12.64 7.94
N LEU B 17 -4.13 13.19 8.74
CA LEU B 17 -3.68 12.53 9.97
C LEU B 17 -4.83 12.18 10.89
N LEU B 18 -5.78 13.11 11.01
CA LEU B 18 -6.83 12.97 12.01
C LEU B 18 -7.67 11.72 11.79
N GLN B 19 -7.83 11.29 10.54
CA GLN B 19 -8.59 10.08 10.28
C GLN B 19 -7.97 8.85 10.91
N TYR B 20 -6.70 8.90 11.30
CA TYR B 20 -6.02 7.71 11.76
C TYR B 20 -5.60 7.81 13.22
N ARG B 21 -6.24 8.71 13.96
CA ARG B 21 -5.78 9.02 15.30
C ARG B 21 -6.06 7.88 16.27
N ARG B 22 -5.04 7.54 17.06
CA ARG B 22 -5.17 6.59 18.15
C ARG B 22 -5.30 7.37 19.44
N HIS B 23 -6.42 7.18 20.15
CA HIS B 23 -6.67 7.89 21.40
C HIS B 23 -7.57 7.06 22.30
N LEU B 24 -7.52 7.32 23.59
CA LEU B 24 -8.41 6.62 24.52
C LEU B 24 -9.81 7.05 24.06
N THR B 25 -10.67 6.07 23.76
CA THR B 25 -11.99 6.36 23.21
C THR B 25 -12.94 6.61 24.38
N ASP B 26 -13.74 7.66 24.25
CA ASP B 26 -14.72 7.98 25.29
C ASP B 26 -15.92 8.69 24.66
N PRO B 27 -17.15 8.18 24.86
CA PRO B 27 -18.29 8.71 24.08
C PRO B 27 -18.71 10.11 24.46
N VAL B 28 -18.29 10.64 25.60
CA VAL B 28 -18.63 12.00 26.00
C VAL B 28 -17.58 13.02 25.59
N LYS B 29 -16.55 12.60 24.85
CA LYS B 29 -15.52 13.53 24.42
C LYS B 29 -16.03 14.36 23.26
N ASN B 30 -15.94 15.68 23.38
CA ASN B 30 -16.24 16.55 22.25
C ASN B 30 -15.11 16.45 21.24
N SER B 31 -15.41 15.85 20.09
CA SER B 31 -14.37 15.63 19.09
C SER B 31 -13.88 16.93 18.46
N ALA B 32 -14.77 17.91 18.26
CA ALA B 32 -14.37 19.15 17.62
C ALA B 32 -13.45 19.96 18.53
N LYS B 33 -13.69 19.94 19.84
CA LYS B 33 -12.84 20.61 20.79
C LYS B 33 -11.47 19.96 20.84
N GLU B 34 -11.44 18.62 20.77
CA GLU B 34 -10.17 17.91 20.76
C GLU B 34 -9.35 18.22 19.51
N GLU B 35 -9.97 18.17 18.34
CA GLU B 35 -9.23 18.44 17.12
C GLU B 35 -8.70 19.86 17.10
N GLU B 36 -9.50 20.83 17.58
CA GLU B 36 -8.99 22.21 17.64
C GLU B 36 -7.75 22.29 18.52
N ILE B 37 -7.66 21.44 19.54
CA ILE B 37 -6.48 21.45 20.40
C ILE B 37 -5.26 20.95 19.65
N ILE B 38 -5.38 19.81 18.97
CA ILE B 38 -4.24 19.30 18.22
C ILE B 38 -3.92 20.19 17.01
N LYS B 39 -4.93 20.85 16.42
CA LYS B 39 -4.64 21.92 15.45
C LYS B 39 -3.60 22.86 16.03
N THR B 40 -3.86 23.37 17.24
CA THR B 40 -2.96 24.38 17.80
C THR B 40 -1.60 23.81 18.11
N VAL B 41 -1.48 22.50 18.33
CA VAL B 41 -0.19 21.93 18.67
C VAL B 41 0.58 21.50 17.43
N GLN B 42 -0.11 20.96 16.42
CA GLN B 42 0.56 20.30 15.30
C GLN B 42 0.72 21.18 14.07
N LEU B 43 -0.26 22.06 13.78
CA LEU B 43 -0.19 22.91 12.59
C LEU B 43 1.11 23.69 12.53
N PRO B 44 1.56 24.36 13.60
CA PRO B 44 2.90 24.99 13.55
C PRO B 44 3.99 24.04 13.14
N ARG B 45 4.04 22.87 13.75
CA ARG B 45 5.10 21.93 13.43
C ARG B 45 5.05 21.53 11.97
N ILE B 46 3.86 21.40 11.42
CA ILE B 46 3.74 21.04 10.01
C ILE B 46 4.25 22.17 9.14
N GLU B 47 3.75 23.38 9.41
CA GLU B 47 4.01 24.53 8.56
C GLU B 47 5.49 24.91 8.53
N TYR B 48 6.24 24.55 9.57
CA TYR B 48 7.70 24.81 9.50
C TYR B 48 8.22 24.27 8.17
N PHE B 49 7.97 22.99 7.90
CA PHE B 49 8.50 22.35 6.67
C PHE B 49 7.92 22.99 5.41
N ILE B 50 6.62 23.28 5.42
CA ILE B 50 5.98 23.81 4.18
C ILE B 50 6.60 25.18 3.85
N LYS B 51 6.83 26.00 4.86
CA LYS B 51 7.45 27.33 4.65
C LYS B 51 8.83 27.11 4.07
N ASN B 52 9.53 26.11 4.56
CA ASN B 52 10.93 25.85 4.12
C ASN B 52 10.90 25.00 2.85
N LYS B 53 9.70 24.61 2.39
CA LYS B 53 9.56 23.78 1.17
C LYS B 53 10.35 22.49 1.38
N LYS B 54 10.27 21.93 2.57
CA LYS B 54 11.02 20.70 2.92
C LYS B 54 10.00 19.59 3.16
N PRO B 55 10.29 18.33 2.78
CA PRO B 55 9.30 17.29 2.91
C PRO B 55 8.97 17.12 4.40
N ILE B 56 7.69 16.90 4.71
CA ILE B 56 7.28 16.81 6.14
C ILE B 56 7.99 15.59 6.71
N GLU B 57 8.51 15.69 7.92
CA GLU B 57 9.29 14.55 8.46
C GLU B 57 8.59 14.03 9.70
N PHE B 58 8.41 12.71 9.77
CA PHE B 58 7.70 12.12 10.91
C PHE B 58 8.56 11.03 11.54
N ILE B 59 8.72 11.06 12.86
CA ILE B 59 9.42 10.00 13.58
C ILE B 59 8.36 9.13 14.22
N LEU B 60 8.60 7.81 14.24
CA LEU B 60 7.65 6.88 14.90
C LEU B 60 8.43 5.77 15.59
N PRO B 61 8.60 5.77 16.92
CA PRO B 61 9.26 4.64 17.54
C PRO B 61 8.26 3.51 17.41
N ALA B 62 8.68 2.39 16.82
CA ALA B 62 7.72 1.29 16.57
C ALA B 62 8.44 -0.03 16.23
N PHE B 63 7.71 -1.14 16.20
CA PHE B 63 8.27 -2.43 15.73
C PHE B 63 9.51 -2.90 16.48
N PRO B 64 9.63 -2.78 17.83
CA PRO B 64 10.86 -3.23 18.45
C PRO B 64 11.17 -4.73 18.33
N THR B 65 10.19 -5.58 18.59
CA THR B 65 10.35 -7.05 18.46
C THR B 65 8.96 -7.69 18.43
N LYS B 66 8.85 -8.94 18.03
CA LYS B 66 7.53 -9.63 18.09
C LYS B 66 7.26 -10.15 19.50
N SER B 67 6.01 -10.13 19.96
CA SER B 67 5.66 -10.67 21.26
C SER B 67 5.83 -12.18 21.30
N PRO B 68 6.39 -12.72 22.39
CA PRO B 68 6.55 -14.19 22.50
C PRO B 68 5.30 -14.95 22.90
N ASN B 69 4.23 -14.30 23.34
CA ASN B 69 3.06 -15.08 23.71
C ASN B 69 2.34 -15.54 22.44
N ILE B 70 2.31 -16.86 22.24
CA ILE B 70 1.61 -17.43 21.09
C ILE B 70 0.13 -17.18 21.15
N ASN B 71 -0.43 -16.89 22.33
CA ASN B 71 -1.86 -16.58 22.36
C ASN B 71 -2.17 -15.26 21.67
N LYS B 72 -1.16 -14.40 21.50
CA LYS B 72 -1.31 -13.13 20.81
C LYS B 72 -0.81 -13.15 19.38
N VAL B 73 0.28 -13.87 19.10
CA VAL B 73 0.99 -13.76 17.83
C VAL B 73 1.14 -15.11 17.12
N LEU B 74 1.47 -15.08 15.82
CA LEU B 74 1.68 -16.31 15.05
C LEU B 74 3.08 -16.86 15.11
N GLY B 75 4.10 -16.01 15.19
CA GLY B 75 5.45 -16.51 15.03
C GLY B 75 6.48 -15.49 15.43
N THR B 76 7.72 -15.76 15.01
CA THR B 76 8.80 -14.85 15.38
C THR B 76 8.99 -13.70 14.40
N ALA B 77 8.81 -13.95 13.10
CA ALA B 77 9.14 -12.99 12.05
C ALA B 77 7.98 -12.02 11.82
N PRO B 78 8.26 -10.89 11.20
CA PRO B 78 7.16 -10.01 10.77
C PRO B 78 6.30 -10.74 9.76
N ASP B 79 4.99 -10.73 9.99
CA ASP B 79 4.02 -11.41 9.15
C ASP B 79 3.13 -10.37 8.43
N MET B 80 1.92 -10.79 8.07
CA MET B 80 1.01 -9.94 7.29
C MET B 80 0.65 -8.66 8.04
N ALA B 81 0.49 -8.74 9.36
CA ALA B 81 0.17 -7.55 10.16
C ALA B 81 1.21 -6.44 9.97
N GLU B 82 2.49 -6.79 10.11
CA GLU B 82 3.51 -5.79 9.87
C GLU B 82 3.46 -5.28 8.46
N ARG B 83 3.29 -6.19 7.49
CA ARG B 83 3.35 -5.80 6.09
C ARG B 83 2.28 -4.78 5.74
N LEU B 84 1.04 -5.00 6.17
CA LEU B 84 -0.04 -4.06 5.86
C LEU B 84 0.23 -2.69 6.48
N SER B 85 0.70 -2.67 7.73
CA SER B 85 0.89 -1.43 8.47
C SER B 85 1.92 -0.55 7.78
N LEU B 86 3.05 -1.16 7.38
CA LEU B 86 4.08 -0.44 6.66
C LEU B 86 3.59 0.01 5.30
N ILE B 87 2.82 -0.83 4.61
CA ILE B 87 2.19 -0.41 3.37
C ILE B 87 1.33 0.83 3.61
N PHE B 88 0.58 0.83 4.70
CA PHE B 88 -0.27 1.96 4.97
C PHE B 88 0.59 3.19 5.25
N LEU B 89 1.59 3.04 6.10
CA LEU B 89 2.47 4.15 6.45
C LEU B 89 3.09 4.77 5.20
N ASN B 90 3.64 3.94 4.32
CA ASN B 90 4.22 4.48 3.09
C ASN B 90 3.14 5.10 2.22
N SER B 91 2.02 4.41 2.07
CA SER B 91 0.90 4.94 1.31
C SER B 91 0.40 6.27 1.84
N PHE B 92 0.53 6.48 3.16
CA PHE B 92 0.17 7.78 3.73
C PHE B 92 1.06 8.90 3.22
N CYS B 93 2.37 8.63 3.09
CA CYS B 93 3.29 9.67 2.60
C CYS B 93 3.08 9.96 1.11
N GLN B 94 2.85 8.94 0.28
CA GLN B 94 2.57 9.19 -1.13
C GLN B 94 1.30 10.03 -1.29
N ARG B 95 0.31 9.77 -0.44
CA ARG B 95 -0.92 10.53 -0.47
C ARG B 95 -0.62 12.00 -0.23
N ILE B 96 0.34 12.28 0.65
CA ILE B 96 0.73 13.64 0.96
C ILE B 96 1.22 14.35 -0.29
N GLN B 97 1.91 13.62 -1.17
CA GLN B 97 2.46 14.19 -2.40
C GLN B 97 1.41 14.89 -3.25
N LEU B 98 0.15 14.49 -3.12
CA LEU B 98 -0.88 14.98 -4.03
C LEU B 98 -1.11 16.48 -3.89
N TYR B 99 -1.17 17.00 -2.67
CA TYR B 99 -1.19 18.46 -2.50
C TYR B 99 0.19 19.07 -2.26
N TYR B 100 1.15 18.32 -1.75
CA TYR B 100 2.43 18.87 -1.32
C TYR B 100 3.54 18.11 -2.04
N PRO B 101 4.04 18.65 -3.14
CA PRO B 101 4.97 17.90 -4.01
C PRO B 101 6.17 17.33 -3.28
N PRO B 102 6.82 18.04 -2.33
CA PRO B 102 7.96 17.41 -1.66
C PRO B 102 7.65 16.07 -1.01
N GLY B 103 6.39 15.83 -0.61
CA GLY B 103 6.01 14.56 -0.02
C GLY B 103 6.31 14.53 1.47
N ALA B 104 6.56 13.32 1.97
CA ALA B 104 6.81 13.17 3.39
C ALA B 104 7.68 11.95 3.61
N ARG B 105 8.35 11.93 4.75
CA ARG B 105 9.15 10.79 5.16
C ARG B 105 8.75 10.39 6.56
N ILE B 106 8.85 9.09 6.83
CA ILE B 106 8.56 8.56 8.14
C ILE B 106 9.78 7.78 8.56
N ILE B 107 10.41 8.19 9.65
CA ILE B 107 11.52 7.45 10.22
C ILE B 107 10.95 6.51 11.28
N ILE B 108 11.09 5.20 11.03
CA ILE B 108 10.75 4.18 12.01
C ILE B 108 11.94 4.02 12.94
N CYS B 109 11.79 4.47 14.18
CA CYS B 109 12.86 4.41 15.17
C CYS B 109 12.72 3.14 16.00
N SER B 110 13.36 2.06 15.54
CA SER B 110 13.19 0.76 16.18
C SER B 110 13.77 0.73 17.58
N ASP B 111 12.89 0.56 18.56
CA ASP B 111 13.28 0.56 19.97
C ASP B 111 13.62 -0.85 20.50
N GLY B 112 14.09 -1.75 19.65
CA GLY B 112 14.17 -3.15 20.07
C GLY B 112 15.16 -3.36 21.21
N HIS B 113 16.37 -2.85 21.04
CA HIS B 113 17.44 -3.17 21.98
C HIS B 113 17.32 -2.42 23.29
N VAL B 114 16.58 -1.30 23.32
CA VAL B 114 16.55 -0.46 24.51
C VAL B 114 15.94 -1.20 25.70
N PHE B 115 14.87 -1.97 25.50
CA PHE B 115 14.31 -2.66 26.66
C PHE B 115 14.54 -4.17 26.57
N GLY B 116 15.47 -4.61 25.73
CA GLY B 116 15.62 -6.03 25.50
C GLY B 116 15.69 -6.85 26.79
N ASP B 117 16.47 -6.37 27.76
CA ASP B 117 16.61 -7.11 29.03
C ASP B 117 15.26 -7.26 29.72
N LEU B 118 14.47 -6.19 29.80
CA LEU B 118 13.25 -6.25 30.58
C LEU B 118 12.13 -7.09 29.95
N ILE B 119 12.11 -7.21 28.61
CA ILE B 119 11.09 -7.98 27.89
C ILE B 119 11.38 -9.48 27.78
N HIS B 120 12.61 -9.92 28.06
CA HIS B 120 13.00 -11.32 27.96
C HIS B 120 12.92 -11.80 26.52
N VAL B 121 13.64 -11.10 25.65
CA VAL B 121 13.83 -11.48 24.26
C VAL B 121 15.31 -11.31 23.97
N SER B 122 15.93 -12.31 23.34
CA SER B 122 17.37 -12.26 23.15
C SER B 122 17.73 -11.14 22.18
N ASP B 123 18.87 -10.47 22.43
CA ASP B 123 19.34 -9.45 21.51
C ASP B 123 19.52 -9.97 20.09
N GLU B 124 19.68 -11.29 19.92
CA GLU B 124 19.75 -11.84 18.57
C GLU B 124 18.38 -11.84 17.90
N VAL B 125 17.33 -12.26 18.62
CA VAL B 125 15.98 -12.24 18.05
C VAL B 125 15.59 -10.82 17.67
N ILE B 126 15.89 -9.85 18.54
CA ILE B 126 15.61 -8.46 18.22
C ILE B 126 16.30 -8.08 16.91
N SER B 127 17.61 -8.35 16.82
CA SER B 127 18.38 -7.96 15.65
C SER B 127 17.83 -8.61 14.39
N GLN B 128 17.37 -9.86 14.49
CA GLN B 128 16.78 -10.54 13.34
C GLN B 128 15.50 -9.85 12.89
N TYR B 129 14.60 -9.57 13.83
CA TYR B 129 13.35 -8.90 13.50
C TYR B 129 13.60 -7.54 12.86
N HIS B 130 14.61 -6.79 13.35
CA HIS B 130 14.96 -5.52 12.71
C HIS B 130 15.35 -5.74 11.25
N GLU B 131 16.17 -6.77 10.99
CA GLU B 131 16.58 -7.06 9.63
C GLU B 131 15.39 -7.49 8.77
N ASP B 132 14.57 -8.41 9.28
CA ASP B 132 13.39 -8.82 8.53
C ASP B 132 12.49 -7.63 8.23
N ILE B 133 12.41 -6.67 9.15
CA ILE B 133 11.58 -5.51 8.93
C ILE B 133 12.17 -4.62 7.84
N LYS B 134 13.49 -4.36 7.90
CA LYS B 134 14.15 -3.64 6.82
C LYS B 134 14.00 -4.37 5.49
N GLN B 135 14.12 -5.71 5.49
CA GLN B 135 13.96 -6.46 4.25
C GLN B 135 12.54 -6.33 3.73
N LEU B 136 11.56 -6.35 4.62
CA LEU B 136 10.17 -6.16 4.23
C LEU B 136 9.96 -4.78 3.62
N LEU B 137 10.59 -3.75 4.20
CA LEU B 137 10.49 -2.41 3.63
C LEU B 137 10.98 -2.35 2.18
N HIS B 138 11.97 -3.16 1.83
CA HIS B 138 12.36 -3.18 0.43
C HIS B 138 11.44 -4.06 -0.41
N GLU B 139 11.06 -5.24 0.12
CA GLU B 139 10.11 -6.10 -0.58
C GLU B 139 8.91 -5.31 -1.07
N VAL B 140 8.38 -4.44 -0.22
CA VAL B 140 7.13 -3.73 -0.52
C VAL B 140 7.33 -2.39 -1.23
N GLY B 141 8.53 -1.85 -1.26
CA GLY B 141 8.75 -0.59 -1.93
C GLY B 141 8.39 0.64 -1.14
N ALA B 142 8.62 0.62 0.17
CA ALA B 142 8.24 1.70 1.09
C ALA B 142 9.29 2.82 1.06
N ILE B 143 9.40 3.46 -0.11
CA ILE B 143 10.53 4.38 -0.35
C ILE B 143 10.49 5.57 0.60
N ASN B 144 9.29 5.95 1.07
CA ASN B 144 9.17 7.07 1.99
C ASN B 144 9.56 6.74 3.44
N LEU B 145 9.65 5.46 3.82
CA LEU B 145 10.05 5.08 5.17
C LEU B 145 11.53 4.75 5.23
N SER B 146 12.14 4.99 6.38
CA SER B 146 13.51 4.59 6.64
C SER B 146 13.59 4.14 8.08
N THR B 147 14.74 3.57 8.46
CA THR B 147 14.83 3.00 9.82
C THR B 147 15.93 3.68 10.65
N PHE B 148 15.64 3.96 11.92
CA PHE B 148 16.67 4.51 12.83
C PHE B 148 16.82 3.50 13.97
N ASN B 149 18.06 3.16 14.29
CA ASN B 149 18.34 2.14 15.33
C ASN B 149 19.43 2.73 16.21
N LEU B 150 19.69 2.14 17.37
CA LEU B 150 20.67 2.77 18.27
C LEU B 150 21.98 2.81 17.48
N ASN B 151 22.27 1.77 16.72
CA ASN B 151 23.47 1.80 15.85
C ASN B 151 23.68 3.08 15.01
N ASP B 152 22.61 3.74 14.54
CA ASP B 152 22.86 4.94 13.71
C ASP B 152 23.03 6.20 14.59
N ASP B 153 22.98 5.97 15.90
CA ASP B 153 23.12 7.07 16.90
C ASP B 153 24.58 7.46 16.71
N LYS B 154 24.89 8.74 16.78
CA LYS B 154 26.31 9.16 16.69
C LYS B 154 27.04 8.55 17.88
N GLU B 155 26.43 8.56 19.07
CA GLU B 155 27.10 7.87 20.21
C GLU B 155 26.74 6.39 20.15
N LEU B 156 27.18 5.71 19.10
CA LEU B 156 26.98 4.23 19.03
C LEU B 156 27.97 3.61 20.02
N CYS B 157 27.69 2.40 20.50
CA CYS B 157 28.68 1.70 21.35
C CYS B 157 29.89 1.37 20.49
N GLU B 158 31.06 1.26 21.11
CA GLU B 158 32.30 1.05 20.32
C GLU B 158 32.03 -0.23 19.53
N HIS B 159 31.38 -1.20 20.16
CA HIS B 159 30.98 -2.40 19.40
C HIS B 159 29.46 -2.31 19.19
N SER B 160 29.01 -2.46 17.95
CA SER B 160 27.57 -2.46 17.67
C SER B 160 26.99 -3.66 18.43
N ASP B 161 27.75 -4.74 18.47
CA ASP B 161 27.32 -5.98 19.14
C ASP B 161 27.07 -5.71 20.63
N ASP B 162 27.85 -4.84 21.28
CA ASP B 162 27.67 -4.72 22.75
C ASP B 162 26.49 -3.80 23.04
N PHE B 163 25.28 -4.36 22.91
CA PHE B 163 24.01 -3.63 23.18
C PHE B 163 23.98 -3.30 24.67
N ASN B 164 24.51 -4.18 25.53
CA ASN B 164 24.36 -3.96 26.98
C ASN B 164 24.94 -2.59 27.35
N LEU B 165 26.14 -2.27 26.87
CA LEU B 165 26.66 -0.91 27.09
C LEU B 165 25.75 0.15 26.47
N GLN B 166 25.19 -0.14 25.30
CA GLN B 166 24.37 0.88 24.60
C GLN B 166 23.16 1.19 25.47
N ARG B 167 22.56 0.16 26.07
CA ARG B 167 21.42 0.44 26.96
C ARG B 167 21.91 1.26 28.16
N GLN B 168 23.06 0.89 28.72
CA GLN B 168 23.55 1.60 29.91
C GLN B 168 23.85 3.04 29.53
N MET B 169 24.49 3.22 28.37
CA MET B 169 24.88 4.59 27.97
C MET B 169 23.62 5.42 27.77
N LEU B 170 22.61 4.83 27.13
CA LEU B 170 21.36 5.57 26.86
C LEU B 170 20.72 5.92 28.19
N VAL B 171 20.70 4.97 29.12
CA VAL B 171 19.97 5.28 30.37
C VAL B 171 20.69 6.44 31.06
N LYS B 172 22.00 6.39 31.12
CA LYS B 172 22.68 7.48 31.85
C LYS B 172 22.45 8.80 31.11
N HIS B 173 22.61 8.77 29.80
CA HIS B 173 22.46 10.00 28.97
C HIS B 173 21.04 10.58 28.95
N TYR B 174 20.01 9.73 28.87
CA TYR B 174 18.65 10.31 28.64
C TYR B 174 17.56 9.81 29.59
N ALA B 175 17.82 8.81 30.43
CA ALA B 175 16.73 8.31 31.26
C ALA B 175 16.46 9.21 32.45
N ARG B 176 15.35 8.94 33.12
CA ARG B 176 14.92 9.60 34.35
C ARG B 176 14.86 8.58 35.47
N SER B 177 14.76 9.07 36.70
CA SER B 177 14.69 8.15 37.84
C SER B 177 13.41 7.34 37.76
N GLU B 178 13.54 6.03 38.01
CA GLU B 178 12.34 5.19 38.07
C GLU B 178 11.35 5.73 39.08
N ALA B 179 11.84 6.45 40.09
CA ALA B 179 10.97 7.21 40.98
C ALA B 179 10.33 8.37 40.23
N SER B 180 11.12 9.10 39.43
CA SER B 180 10.58 10.22 38.67
C SER B 180 9.54 9.75 37.65
N ILE B 181 9.77 8.60 37.03
CA ILE B 181 8.78 8.05 36.09
C ILE B 181 7.50 7.68 36.82
N LYS B 182 7.60 6.83 37.86
CA LYS B 182 6.41 6.37 38.58
C LYS B 182 5.56 7.54 39.04
N ASP B 183 6.21 8.61 39.51
CA ASP B 183 5.45 9.76 39.98
C ASP B 183 4.73 10.42 38.83
N GLU B 184 5.40 10.64 37.69
CA GLU B 184 4.76 11.31 36.57
C GLU B 184 3.61 10.49 36.00
N LEU B 185 3.80 9.19 35.88
CA LEU B 185 2.76 8.33 35.33
C LEU B 185 1.47 8.44 36.12
N LEU B 186 1.56 8.75 37.41
CA LEU B 186 0.39 8.67 38.27
C LEU B 186 -0.28 10.02 38.52
N GLN B 187 0.09 11.06 37.78
CA GLN B 187 -0.70 12.30 37.82
C GLN B 187 -1.80 12.27 36.77
N ASN B 188 -1.43 12.03 35.52
CA ASN B 188 -2.37 11.97 34.41
C ASN B 188 -3.16 10.66 34.46
N ASN B 189 -4.35 10.66 33.86
CA ASN B 189 -4.94 9.39 33.46
C ASN B 189 -4.33 8.85 32.18
N ASN B 190 -3.66 9.71 31.41
CA ASN B 190 -2.90 9.21 30.27
C ASN B 190 -1.74 8.35 30.75
N GLY B 191 -0.89 8.90 31.60
CA GLY B 191 0.21 8.12 32.11
C GLY B 191 -0.25 6.92 32.90
N LEU B 192 -1.29 7.10 33.70
CA LEU B 192 -1.82 5.98 34.46
C LEU B 192 -2.30 4.86 33.55
N GLN B 193 -3.02 5.20 32.47
CA GLN B 193 -3.50 4.14 31.59
C GLN B 193 -2.36 3.55 30.77
N LEU B 194 -1.26 4.29 30.62
CA LEU B 194 -0.07 3.72 29.99
C LEU B 194 0.53 2.65 30.90
N TYR B 195 0.69 2.97 32.18
CA TYR B 195 1.21 2.02 33.15
C TYR B 195 0.39 0.74 33.15
N ARG B 196 -0.94 0.87 33.21
CA ARG B 196 -1.79 -0.32 33.21
C ARG B 196 -1.62 -1.11 31.92
N ALA B 197 -1.63 -0.42 30.78
CA ALA B 197 -1.54 -1.11 29.50
C ALA B 197 -0.23 -1.86 29.37
N VAL B 198 0.90 -1.20 29.69
CA VAL B 198 2.19 -1.87 29.56
C VAL B 198 2.27 -3.04 30.54
N THR B 199 1.77 -2.87 31.77
CA THR B 199 1.76 -3.98 32.73
C THR B 199 0.92 -5.15 32.25
N ARG B 200 -0.26 -4.89 31.69
CA ARG B 200 -1.08 -5.96 31.11
C ARG B 200 -0.28 -6.75 30.06
N PHE B 201 0.42 -6.06 29.16
CA PHE B 201 1.22 -6.75 28.14
C PHE B 201 2.33 -7.58 28.77
N LEU B 202 3.01 -7.03 29.80
CA LEU B 202 4.11 -7.76 30.43
C LEU B 202 3.62 -8.97 31.22
N TYR B 203 2.52 -8.82 31.97
CA TYR B 203 1.95 -9.95 32.69
C TYR B 203 1.57 -11.07 31.73
N GLU B 204 0.74 -10.75 30.74
CA GLU B 204 0.27 -11.74 29.78
C GLU B 204 1.43 -12.45 29.08
N ASP B 205 2.43 -11.70 28.63
CA ASP B 205 3.51 -12.32 27.87
C ASP B 205 4.40 -13.23 28.72
N SER B 206 4.53 -12.97 30.01
CA SER B 206 5.46 -13.77 30.79
C SER B 206 4.83 -15.01 31.40
N LEU B 207 3.51 -15.11 31.45
CA LEU B 207 2.91 -16.36 31.88
C LEU B 207 2.85 -17.34 30.69
N LEU B 208 3.36 -18.56 30.91
CA LEU B 208 3.54 -19.62 29.92
C LEU B 208 3.17 -20.97 30.54
N PRO B 209 3.29 -22.13 29.81
CA PRO B 209 3.00 -23.42 30.46
C PRO B 209 4.13 -23.91 31.37
N GLY B 210 5.37 -23.55 31.03
CA GLY B 210 6.54 -23.98 31.78
C GLY B 210 6.80 -23.25 33.07
N TYR B 211 6.04 -22.20 33.38
CA TYR B 211 6.29 -21.34 34.53
C TYR B 211 5.48 -21.84 35.73
N THR B 212 6.13 -21.88 36.91
CA THR B 212 5.56 -22.49 38.11
C THR B 212 5.41 -21.52 39.28
N GLY B 213 5.39 -20.23 39.04
CA GLY B 213 5.12 -19.25 40.07
C GLY B 213 3.64 -18.98 40.22
N SER B 214 3.31 -17.74 40.55
CA SER B 214 2.00 -17.41 41.05
C SER B 214 1.58 -16.03 40.56
N ASN B 215 0.27 -15.82 40.45
CA ASN B 215 -0.24 -14.57 39.88
C ASN B 215 0.29 -13.37 40.64
N ASN B 216 0.28 -13.45 41.96
CA ASN B 216 0.75 -12.33 42.77
C ASN B 216 2.19 -11.96 42.44
N ALA B 217 3.06 -12.94 42.28
CA ALA B 217 4.45 -12.62 41.92
C ALA B 217 4.55 -12.08 40.50
N LEU B 218 3.74 -12.62 39.58
CA LEU B 218 3.69 -12.12 38.21
C LEU B 218 3.22 -10.69 38.15
N GLN B 219 2.27 -10.34 39.02
CA GLN B 219 1.77 -8.97 39.05
C GLN B 219 2.88 -8.02 39.47
N LYS B 220 3.44 -8.25 40.65
CA LYS B 220 4.51 -7.38 41.14
C LYS B 220 5.64 -7.29 40.13
N ASP B 221 5.93 -8.38 39.42
CA ASP B 221 7.03 -8.37 38.47
C ASP B 221 6.67 -7.57 37.21
N ALA B 222 5.46 -7.76 36.67
CA ALA B 222 5.06 -6.96 35.53
C ALA B 222 5.06 -5.46 35.87
N LYS B 223 4.52 -5.11 37.05
CA LYS B 223 4.50 -3.70 37.46
C LYS B 223 5.91 -3.12 37.53
N GLN B 224 6.87 -3.91 38.01
CA GLN B 224 8.23 -3.43 38.21
C GLN B 224 8.97 -3.33 36.88
N ARG B 225 8.89 -4.38 36.06
CA ARG B 225 9.44 -4.29 34.71
C ARG B 225 8.78 -3.20 33.91
N ALA B 226 7.49 -2.94 34.16
CA ALA B 226 6.79 -1.94 33.36
C ALA B 226 7.46 -0.58 33.49
N ILE B 227 7.72 -0.14 34.72
CA ILE B 227 8.37 1.16 34.91
C ILE B 227 9.71 1.20 34.17
N GLY B 228 10.45 0.10 34.20
CA GLY B 228 11.69 0.03 33.44
C GLY B 228 11.45 0.29 31.96
N VAL B 229 10.49 -0.43 31.38
CA VAL B 229 10.26 -0.31 29.95
C VAL B 229 9.85 1.11 29.58
N ILE B 230 8.96 1.73 30.36
CA ILE B 230 8.67 3.14 30.07
C ILE B 230 9.92 3.98 30.22
N GLN B 231 10.69 3.76 31.30
CA GLN B 231 11.92 4.53 31.48
C GLN B 231 12.86 4.36 30.30
N ARG B 232 13.06 3.12 29.86
CA ARG B 232 13.90 2.92 28.69
C ARG B 232 13.30 3.56 27.47
N SER B 233 11.98 3.42 27.30
CA SER B 233 11.31 3.92 26.11
C SER B 233 11.31 5.43 26.07
N TRP B 234 11.17 6.09 27.22
CA TRP B 234 11.25 7.54 27.25
C TRP B 234 12.69 8.02 27.07
N ALA B 235 13.66 7.25 27.57
CA ALA B 235 15.07 7.58 27.30
C ALA B 235 15.31 7.64 25.80
N TRP B 236 14.94 6.56 25.11
CA TRP B 236 14.96 6.48 23.67
C TRP B 236 14.25 7.68 23.02
N GLY B 237 13.09 8.06 23.55
CA GLY B 237 12.38 9.21 23.00
C GLY B 237 13.10 10.51 23.24
N SER B 238 13.67 10.67 24.44
CA SER B 238 14.49 11.85 24.69
C SER B 238 15.64 11.93 23.68
N LEU B 239 16.28 10.79 23.40
CA LEU B 239 17.43 10.77 22.45
C LEU B 239 16.97 11.22 21.06
N LEU B 240 15.85 10.68 20.60
CA LEU B 240 15.40 10.97 19.23
C LEU B 240 15.13 12.47 19.12
N ASP B 241 14.57 13.06 20.17
CA ASP B 241 14.18 14.48 20.07
C ASP B 241 15.43 15.32 19.81
N THR B 242 16.56 14.99 20.44
CA THR B 242 17.77 15.75 20.12
C THR B 242 18.15 15.56 18.65
N HIS B 243 18.08 14.33 18.15
CA HIS B 243 18.37 14.05 16.71
C HIS B 243 17.35 14.70 15.78
N PHE B 244 16.06 14.66 16.13
CA PHE B 244 15.02 15.16 15.20
C PHE B 244 14.06 16.10 15.93
N PRO B 245 14.50 17.33 16.27
CA PRO B 245 13.68 18.24 17.05
C PRO B 245 12.38 18.69 16.36
N LYS B 246 12.44 18.97 15.06
CA LYS B 246 11.27 19.57 14.38
C LYS B 246 10.30 18.53 13.82
N ALA B 247 10.75 17.29 13.67
CA ALA B 247 9.91 16.26 13.10
C ALA B 247 8.61 16.09 13.87
N ILE B 248 7.54 15.87 13.11
CA ILE B 248 6.26 15.55 13.72
C ILE B 248 6.36 14.19 14.41
N ARG B 249 5.94 14.14 15.66
CA ARG B 249 6.18 12.98 16.52
C ARG B 249 4.95 12.07 16.53
N LEU B 250 5.04 10.96 15.81
CA LEU B 250 3.98 9.97 15.84
C LEU B 250 4.21 8.99 16.99
N SER B 251 3.14 8.28 17.35
CA SER B 251 3.23 7.29 18.41
C SER B 251 2.26 6.15 18.15
N ILE B 252 2.61 4.97 18.65
CA ILE B 252 1.77 3.78 18.58
C ILE B 252 0.92 3.60 19.82
N HIS B 253 1.05 4.45 20.77
CA HIS B 253 0.24 4.56 21.95
C HIS B 253 -0.74 5.71 21.79
N PRO B 254 -1.92 5.56 22.38
CA PRO B 254 -2.85 6.68 22.45
C PRO B 254 -2.19 7.88 23.12
N GLN B 255 -2.63 9.08 22.73
CA GLN B 255 -1.99 10.27 23.28
C GLN B 255 -3.04 11.37 23.41
N PRO B 256 -2.97 12.17 24.47
CA PRO B 256 -3.97 13.24 24.64
C PRO B 256 -3.78 14.36 23.62
N ALA B 257 -4.88 15.06 23.34
CA ALA B 257 -4.85 16.15 22.38
C ALA B 257 -3.86 17.16 22.95
N ASP B 258 -3.62 17.12 24.26
CA ASP B 258 -2.64 18.02 24.84
C ASP B 258 -1.22 17.87 24.23
N SER B 259 -0.88 16.62 23.94
CA SER B 259 0.48 16.27 23.53
C SER B 259 1.09 16.75 22.22
N ILE B 260 2.42 16.76 22.23
CA ILE B 260 3.21 16.84 21.00
C ILE B 260 3.22 15.50 20.29
N LYS B 261 3.34 14.41 21.04
CA LYS B 261 3.21 13.08 20.46
C LYS B 261 1.80 12.94 19.89
N PHE B 262 1.67 12.23 18.77
CA PHE B 262 0.39 12.06 18.09
C PHE B 262 0.17 10.58 17.85
N GLY B 263 -0.83 10.00 18.52
CA GLY B 263 -1.04 8.56 18.41
C GLY B 263 -1.65 8.20 17.07
N ILE B 264 -1.24 7.06 16.52
CA ILE B 264 -1.69 6.69 15.18
C ILE B 264 -1.96 5.18 15.04
N HIS B 265 -2.96 4.86 14.23
CA HIS B 265 -3.28 3.50 13.85
C HIS B 265 -2.68 3.16 12.50
N MET B 266 -2.49 1.88 12.28
CA MET B 266 -1.96 1.39 11.02
C MET B 266 -2.82 0.31 10.39
N MET B 267 -3.62 -0.38 11.16
CA MET B 267 -4.60 -1.32 10.65
C MET B 267 -5.90 -1.00 11.38
N PRO B 268 -7.03 -1.48 10.89
CA PRO B 268 -8.23 -1.49 11.74
C PRO B 268 -8.03 -2.39 12.96
N THR B 269 -8.62 -1.99 14.10
CA THR B 269 -8.56 -2.83 15.29
C THR B 269 -9.61 -2.33 16.27
N ARG B 270 -10.05 -3.23 17.18
CA ARG B 270 -10.96 -2.82 18.25
C ARG B 270 -10.26 -2.54 19.57
N ASP B 271 -8.97 -2.78 19.65
CA ASP B 271 -8.15 -2.42 20.81
C ASP B 271 -7.38 -1.14 20.49
N ASP B 272 -7.56 -0.09 21.29
CA ASP B 272 -6.76 1.11 21.09
C ASP B 272 -5.26 0.88 21.36
N TRP B 273 -4.89 -0.18 22.11
CA TRP B 273 -3.50 -0.44 22.49
C TRP B 273 -2.84 -1.49 21.63
N LEU B 274 -3.58 -2.19 20.79
CA LEU B 274 -3.01 -3.28 20.01
C LEU B 274 -2.06 -2.73 18.95
N THR B 275 -0.99 -3.46 18.69
CA THR B 275 -0.03 -3.15 17.63
C THR B 275 0.32 -4.43 16.90
N PRO B 276 0.79 -4.34 15.66
CA PRO B 276 1.02 -5.56 14.87
C PRO B 276 2.05 -6.52 15.46
N TRP B 277 2.98 -6.05 16.31
CA TRP B 277 3.91 -6.99 16.93
C TRP B 277 3.34 -7.62 18.20
N HIS B 278 2.08 -7.33 18.55
CA HIS B 278 1.39 -7.99 19.65
C HIS B 278 0.12 -8.69 19.20
N GLY B 279 0.00 -8.95 17.91
CA GLY B 279 -1.24 -9.50 17.41
C GLY B 279 -1.11 -10.13 16.05
N VAL B 280 -2.25 -10.33 15.41
CA VAL B 280 -2.33 -11.08 14.17
C VAL B 280 -3.26 -10.34 13.21
N ALA B 281 -3.05 -10.59 11.92
CA ALA B 281 -3.87 -9.99 10.88
C ALA B 281 -4.94 -11.00 10.52
N ALA B 282 -6.19 -10.55 10.41
CA ALA B 282 -7.30 -11.44 10.12
C ALA B 282 -8.18 -10.86 9.02
N ASN B 283 -8.34 -11.63 7.93
CA ASN B 283 -9.32 -11.28 6.91
C ASN B 283 -10.68 -11.75 7.37
N VAL B 284 -11.52 -10.84 7.82
CA VAL B 284 -12.85 -11.19 8.29
C VAL B 284 -13.85 -10.48 7.38
N ASN B 285 -14.53 -11.25 6.54
CA ASN B 285 -15.47 -10.69 5.58
C ASN B 285 -14.83 -9.59 4.74
N GLY B 286 -13.72 -9.95 4.09
CA GLY B 286 -13.13 -9.03 3.15
C GLY B 286 -12.61 -7.75 3.78
N GLN B 287 -12.12 -7.82 5.02
CA GLN B 287 -11.47 -6.70 5.68
C GLN B 287 -10.44 -7.19 6.68
N PHE B 288 -9.23 -6.65 6.59
CA PHE B 288 -8.17 -7.05 7.51
C PHE B 288 -8.30 -6.32 8.85
N ILE B 289 -8.42 -7.10 9.93
CA ILE B 289 -8.48 -6.53 11.27
C ILE B 289 -7.32 -7.10 12.08
N LEU B 290 -6.85 -6.31 13.03
CA LEU B 290 -5.74 -6.70 13.88
C LEU B 290 -6.34 -7.23 15.18
N MET B 291 -6.16 -8.53 15.44
CA MET B 291 -6.67 -9.11 16.68
C MET B 291 -5.77 -10.23 17.18
N LYS B 292 -5.97 -10.62 18.44
CA LYS B 292 -5.10 -11.65 19.08
C LYS B 292 -5.27 -13.02 18.43
N HIS B 293 -4.24 -13.86 18.52
CA HIS B 293 -4.26 -15.19 17.88
C HIS B 293 -5.38 -16.04 18.49
N LYS B 294 -5.54 -15.95 19.80
CA LYS B 294 -6.57 -16.79 20.48
C LYS B 294 -7.94 -16.44 19.90
N GLU B 295 -8.23 -15.15 19.76
CA GLU B 295 -9.60 -14.75 19.32
C GLU B 295 -9.88 -15.29 17.91
N VAL B 296 -8.91 -15.19 17.01
CA VAL B 296 -9.12 -15.67 15.62
C VAL B 296 -9.35 -17.19 15.66
N GLN B 297 -8.59 -17.88 16.51
CA GLN B 297 -8.72 -19.35 16.63
C GLN B 297 -10.13 -19.68 17.14
N MET B 298 -10.63 -18.90 18.10
CA MET B 298 -11.99 -19.12 18.65
C MET B 298 -12.97 -18.93 17.49
N MET B 299 -12.73 -17.93 16.65
CA MET B 299 -13.56 -17.72 15.43
C MET B 299 -13.38 -18.95 14.53
N GLY B 300 -12.19 -19.52 14.50
CA GLY B 300 -11.97 -20.76 13.72
C GLY B 300 -11.53 -20.54 12.29
N GLY B 301 -11.19 -19.31 11.93
CA GLY B 301 -10.68 -19.06 10.57
C GLY B 301 -9.37 -19.77 10.26
N LYS B 302 -9.24 -20.26 9.03
CA LYS B 302 -8.03 -21.02 8.62
C LYS B 302 -6.79 -20.15 8.47
N LEU B 303 -5.63 -20.70 8.85
CA LEU B 303 -4.33 -20.00 8.66
C LEU B 303 -3.98 -20.00 7.17
N VAL B 304 -3.31 -18.95 6.69
CA VAL B 304 -2.87 -18.91 5.26
C VAL B 304 -1.36 -18.70 5.29
N ASN B 305 -0.60 -19.27 4.35
CA ASN B 305 0.87 -19.09 4.51
C ASN B 305 1.47 -18.39 3.29
N ILE B 306 2.30 -17.37 3.50
CA ILE B 306 2.98 -16.65 2.37
C ILE B 306 4.49 -16.85 2.54
N HIS B 307 5.20 -17.24 1.47
CA HIS B 307 6.65 -17.55 1.61
C HIS B 307 6.83 -18.66 2.67
N GLY B 308 5.95 -19.66 2.66
CA GLY B 308 6.08 -20.78 3.61
C GLY B 308 5.57 -20.40 4.99
N LYS B 309 6.15 -19.36 5.61
CA LYS B 309 5.65 -18.88 6.92
C LYS B 309 4.21 -18.40 6.73
N PRO B 310 3.29 -18.52 7.71
CA PRO B 310 1.93 -18.07 7.44
C PRO B 310 1.80 -16.59 7.79
N SER B 311 1.55 -15.76 6.78
CA SER B 311 1.37 -14.31 7.03
C SER B 311 0.14 -13.98 7.88
N HIS B 312 -0.98 -14.67 7.65
CA HIS B 312 -2.23 -14.28 8.35
C HIS B 312 -3.28 -15.37 8.42
N TYR B 313 -4.43 -15.04 9.01
CA TYR B 313 -5.55 -15.99 9.16
C TYR B 313 -6.76 -15.45 8.42
N VAL B 314 -7.45 -16.28 7.64
CA VAL B 314 -8.70 -15.82 6.99
C VAL B 314 -9.86 -16.55 7.65
N ILE B 315 -10.86 -15.81 8.12
CA ILE B 315 -12.06 -16.44 8.74
C ILE B 315 -13.21 -16.39 7.73
O1 PG4 C . 3.17 12.32 -7.73
C1 PG4 C . 1.80 12.43 -8.10
C2 PG4 C . 1.32 11.17 -8.78
O2 PG4 C . 0.24 11.45 -9.68
C3 PG4 C . -0.20 10.31 -10.42
C4 PG4 C . -0.10 9.06 -9.61
O3 PG4 C . -0.54 7.91 -10.35
C5 PG4 C . -0.17 6.70 -9.69
C6 PG4 C . 0.44 6.93 -8.34
O4 PG4 C . 1.10 5.75 -7.92
C7 PG4 C . 1.95 6.04 -6.81
C8 PG4 C . 2.50 4.73 -6.27
O5 PG4 C . 3.73 4.34 -6.86
O1 PG4 D . -9.31 2.03 6.09
C1 PG4 D . -9.10 2.79 4.91
C2 PG4 D . -7.83 3.61 5.00
O2 PG4 D . -7.14 3.53 3.76
C3 PG4 D . -5.72 3.54 3.87
C4 PG4 D . -5.05 3.22 2.57
O3 PG4 D . -4.95 1.80 2.37
C5 PG4 D . -3.58 1.38 2.47
C6 PG4 D . -3.38 0.19 3.37
O4 PG4 D . -4.11 -0.96 2.91
C7 PG4 D . -3.70 -2.13 3.62
C8 PG4 D . -4.72 -3.23 3.53
O5 PG4 D . -5.69 -3.04 2.50
C13 A1A46 E . 2.02 -6.60 -25.87
C01 A1A46 E . -5.27 -3.07 -27.05
C02 A1A46 E . -4.30 -4.06 -26.38
C04 A1A46 E . -2.93 -3.67 -25.81
C06 A1A46 E . -2.55 -4.33 -24.45
C07 A1A46 E . -3.70 -4.39 -23.42
C12 A1A46 E . 0.94 -6.25 -25.09
C14 A1A46 E . 2.97 -7.49 -25.41
C15 A1A46 E . 2.85 -8.06 -24.14
C18 A1A46 E . 0.81 -6.81 -23.82
C19 A1A46 E . 0.25 -2.71 -25.58
O08 A1A46 E . -3.45 -5.41 -22.49
O21 A1A46 E . -0.12 -1.54 -25.24
C10 A1A46 E . -0.10 -3.98 -24.76
C11 A1A46 E . -0.09 -5.25 -25.61
C17 A1A46 E . 1.76 -7.72 -23.35
N09 A1A46 E . -1.27 -3.86 -23.85
O03 A1A46 E . -4.60 -5.21 -26.30
O05 A1A46 E . -2.71 -2.27 -25.86
O16 A1A46 E . 3.83 -8.98 -23.72
O20 A1A46 E . 0.97 -2.85 -26.63
P PO4 F . -9.14 -1.60 -23.40
O1 PO4 F . -10.56 -2.11 -23.52
O2 PO4 F . -8.27 -2.58 -24.16
O3 PO4 F . -9.02 -0.19 -23.97
O4 PO4 F . -8.70 -1.56 -21.95
C1 EDO G . -4.11 6.06 -1.11
O1 EDO G . -4.48 6.86 -2.25
C2 EDO G . -4.41 6.80 0.20
O2 EDO G . -4.12 6.00 1.37
C5 PG0 H . 0.46 3.46 -3.41
O2 PG0 H . -0.26 4.32 -2.55
C4 PG0 H . -1.16 5.22 -3.18
C3 PG0 H . -0.96 6.65 -2.73
O1 PG0 H . -1.28 7.56 -3.78
C2 PG0 H . -0.19 7.95 -4.59
C1 PG0 H . -0.17 9.46 -4.79
OTT PG0 H . 0.71 9.86 -5.83
C1 PG6 I . -5.09 -0.65 6.70
O1 PG6 I . -6.06 0.35 6.58
C2 PG6 I . -5.60 1.65 6.89
C3 PG6 I . -5.47 1.91 8.38
O2 PG6 I . -6.69 2.35 8.94
C4 PG6 I . -6.53 2.91 10.23
C5 PG6 I . -7.82 2.93 11.04
O3 PG6 I . -8.66 4.01 10.71
C6 PG6 I . -10.01 3.64 10.52
C7 PG6 I . -10.27 3.03 9.15
O4 PG6 I . -11.65 3.12 8.81
C8 PG6 I . -12.15 2.16 7.88
C9 PG6 I . -12.07 0.72 8.35
O5 PG6 I . -13.06 0.40 9.30
C10 PG6 I . -12.57 0.03 10.57
C11 PG6 I . -12.86 -1.43 10.84
O6 PG6 I . -13.07 -1.68 12.21
C12 PG6 I . -13.00 -3.05 12.54
P PO4 J . 5.75 6.97 22.90
O1 PO4 J . 4.53 7.06 23.81
O2 PO4 J . 6.51 5.68 23.15
O3 PO4 J . 5.38 6.97 21.44
O4 PO4 J . 6.68 8.14 23.19
#